data_9L3J
#
_entry.id   9L3J
#
_cell.length_a   80.295
_cell.length_b   106.913
_cell.length_c   83.742
_cell.angle_alpha   90.000
_cell.angle_beta   90.900
_cell.angle_gamma   90.000
#
_symmetry.space_group_name_H-M   'P 1 21 1'
#
loop_
_entity.id
_entity.type
_entity.pdbx_description
1 polymer 'Glycoside hydrolase superfamily'
2 branched alpha-D-mannopyranose-(1-3)-beta-D-mannopyranose-(1-4)-2-acetamido-2-deoxy-beta-D-glucopyranose-(1-4)-2-acetamido-2-deoxy-beta-D-glucopyranose
3 branched beta-D-glucopyranose-(1-4)-[alpha-D-xylopyranose-(1-6)]beta-D-glucopyranose
4 branched alpha-D-mannopyranose-(1-2)-alpha-D-mannopyranose-(1-2)-alpha-D-mannopyranose-(1-3)-[alpha-D-mannopyranose-(1-3)-alpha-D-mannopyranose-(1-6)]beta-D-mannopyranose-(1-4)-2-acetamido-2-deoxy-beta-D-glucopyranose-(1-4)-2-acetamido-2-deoxy-beta-D-glucopyranose
5 branched alpha-D-mannopyranose-(1-3)-[alpha-D-mannopyranose-(1-6)]alpha-D-mannopyranose-(1-6)-[alpha-D-mannopyranose-(1-3)]beta-D-mannopyranose-(1-4)-2-acetamido-2-deoxy-beta-D-glucopyranose-(1-4)-2-acetamido-2-deoxy-beta-D-glucopyranose
6 branched beta-D-glucopyranose-(1-4)-[alpha-D-xylopyranose-(1-6)]beta-D-glucopyranose-(1-4)-beta-D-glucopyranose
7 branched alpha-D-mannopyranose-(1-3)-[alpha-D-mannopyranose-(1-6)]alpha-D-mannopyranose-(1-6)-beta-D-mannopyranose-(1-4)-2-acetamido-2-deoxy-beta-D-glucopyranose-(1-4)-2-acetamido-2-deoxy-beta-D-glucopyranose
8 branched alpha-D-mannopyranose-(1-2)-alpha-D-mannopyranose-(1-3)-beta-D-mannopyranose-(1-4)-2-acetamido-2-deoxy-beta-D-glucopyranose-(1-4)-2-acetamido-2-deoxy-beta-D-glucopyranose
9 branched 2-acetamido-2-deoxy-beta-D-glucopyranose-(1-4)-2-acetamido-2-deoxy-beta-D-glucopyranose
10 non-polymer alpha-D-mannopyranose
11 non-polymer 2-acetamido-2-deoxy-beta-D-glucopyranose
#
_entity_poly.entity_id   1
_entity_poly.type   'polypeptide(L)'
_entity_poly.pdbx_seq_one_letter_code
;MRFPSIFTAVLFAASSALAAPVNTTTEDETAQIPAEAVIGYSDLEGDFDVAVLPFSNSTNNGLLFINTTIASIAAKEEGV
SLEKREAEALSANCTGSFDAISASDFVANINPGWNLGNSLDATPNEDSWNNPTVQESTFDYVKAAGFKSVRLPVTWTHHF
TSESPDWTVDPKWLQRVSDVIDMITSRGLYTIVNVHHDSWEWADVTKSDANITQIEQKFEKLWYQIGTKLACKSSMVAFE
TINEPPCNTAEDGAKINKFNEIFLRAINRAGGFNAKRVVNLVGGGMDSVKTSQWFKTPANITNPWALQFHFYSPYDFIFS
AWGKTIWGSDSDKSELDSTLGLLRGNFTDVPIVLGEFDASPTNTEPAARWKYHDYLIRSTKKYNMSPIIWDNGLDHLDRS
SGIWRDPVSIEIITNGNETNSLPDSTVDTSAPSQSSSAYIYHKVGTEVTDQTLPFIFNDNTLVSIQDSKGTTLKADTDYT
VSGSNITFPASFLSTYYSETSEPGLLPNFTLKFSSGASPVVQLVQWDTPTLSKTSAAASSISGSDLSIPITWKGLPKLAT
VKALLNNGTYLVDDFTQWFGPFGEARTTYSNQWNWDDKNVILTQATVEAVVAAGQDTVFTFEFFPRVDTTTNTVNFTLTV
VDHHHHHH
;
_entity_poly.pdbx_strand_id   A,B
#
# COMPACT_ATOMS: atom_id res chain seq x y z
N ALA A 92 26.91 -2.87 -3.52
CA ALA A 92 25.97 -2.88 -4.64
C ALA A 92 26.68 -2.49 -5.92
N ASN A 93 26.35 -3.15 -7.02
CA ASN A 93 26.85 -2.78 -8.34
C ASN A 93 25.67 -2.43 -9.23
N CYS A 94 25.86 -1.44 -10.09
CA CYS A 94 24.80 -0.93 -10.95
C CYS A 94 25.16 -1.14 -12.42
N THR A 95 24.19 -1.63 -13.19
CA THR A 95 24.43 -2.08 -14.55
C THR A 95 24.13 -1.03 -15.61
N GLY A 96 23.30 -0.04 -15.30
CA GLY A 96 22.90 0.97 -16.25
C GLY A 96 23.83 2.16 -16.29
N SER A 97 23.27 3.31 -16.66
CA SER A 97 24.02 4.55 -16.72
C SER A 97 23.48 5.55 -15.70
N PHE A 98 24.20 6.66 -15.55
CA PHE A 98 23.85 7.68 -14.56
C PHE A 98 24.16 9.05 -15.16
N ASP A 99 23.11 9.81 -15.46
CA ASP A 99 23.27 11.19 -15.93
C ASP A 99 23.57 12.06 -14.71
N ALA A 100 24.84 12.37 -14.50
CA ALA A 100 25.20 13.26 -13.41
C ALA A 100 24.58 14.62 -13.59
N ILE A 101 24.06 15.17 -12.49
CA ILE A 101 23.48 16.51 -12.47
C ILE A 101 24.15 17.31 -11.37
N SER A 102 24.32 18.60 -11.63
CA SER A 102 24.94 19.48 -10.66
C SER A 102 23.93 19.90 -9.59
N ALA A 103 24.46 20.26 -8.43
CA ALA A 103 23.62 20.79 -7.36
C ALA A 103 22.91 22.06 -7.81
N SER A 104 23.62 22.93 -8.53
CA SER A 104 23.00 24.11 -9.11
C SER A 104 21.83 23.74 -10.00
N ASP A 105 22.02 22.74 -10.87
CA ASP A 105 20.94 22.33 -11.77
C ASP A 105 19.87 21.54 -11.04
N PHE A 106 20.24 20.71 -10.07
CA PHE A 106 19.26 19.90 -9.36
C PHE A 106 18.24 20.78 -8.66
N VAL A 107 18.70 21.68 -7.79
CA VAL A 107 17.79 22.57 -7.07
C VAL A 107 16.95 23.37 -8.06
N ALA A 108 17.55 23.79 -9.18
CA ALA A 108 16.80 24.58 -10.17
C ALA A 108 15.60 23.82 -10.69
N ASN A 109 15.75 22.51 -10.92
CA ASN A 109 14.71 21.70 -11.53
C ASN A 109 13.71 21.14 -10.54
N ILE A 110 13.98 21.18 -9.22
CA ILE A 110 13.01 20.69 -8.25
C ILE A 110 11.96 21.74 -7.88
N ASN A 111 12.22 23.00 -8.16
CA ASN A 111 11.33 24.09 -7.74
C ASN A 111 10.04 24.06 -8.56
N PRO A 112 8.87 23.90 -7.94
CA PRO A 112 8.59 23.76 -6.49
C PRO A 112 8.37 22.31 -6.04
N GLY A 113 8.48 22.05 -4.74
CA GLY A 113 8.30 20.70 -4.22
C GLY A 113 7.12 20.55 -3.27
N TRP A 114 6.76 19.30 -2.98
CA TRP A 114 5.65 18.95 -2.12
C TRP A 114 6.04 17.72 -1.30
N ASN A 115 5.55 17.66 -0.06
CA ASN A 115 5.93 16.61 0.89
C ASN A 115 4.86 15.53 0.99
N LEU A 116 5.28 14.27 0.95
CA LEU A 116 4.44 13.13 1.33
C LEU A 116 4.49 13.03 2.86
N GLY A 117 3.72 13.89 3.51
CA GLY A 117 3.82 14.04 4.95
C GLY A 117 3.04 13.00 5.73
N ASN A 118 3.60 12.65 6.89
CA ASN A 118 2.98 11.71 7.83
C ASN A 118 2.70 10.35 7.19
N SER A 119 3.55 9.93 6.23
CA SER A 119 3.40 8.65 5.54
C SER A 119 4.51 7.76 5.98
N LEU A 120 5.57 7.57 5.17
CA LEU A 120 6.74 6.79 5.58
C LEU A 120 7.47 7.40 6.77
N ASP A 121 7.07 8.61 7.18
CA ASP A 121 7.57 9.21 8.40
C ASP A 121 6.70 8.90 9.62
N ALA A 122 5.53 8.28 9.42
CA ALA A 122 4.65 7.96 10.54
C ALA A 122 5.24 6.84 11.38
N THR A 123 4.84 6.79 12.65
CA THR A 123 5.34 5.79 13.57
C THR A 123 4.18 4.99 14.16
N PRO A 124 4.29 3.66 14.20
CA PRO A 124 5.41 2.85 13.72
C PRO A 124 5.34 2.51 12.24
N ASN A 125 4.15 2.46 11.64
CA ASN A 125 3.98 2.05 10.25
C ASN A 125 3.51 3.23 9.42
N GLU A 126 3.53 3.05 8.10
CA GLU A 126 3.26 4.18 7.20
C GLU A 126 1.82 4.67 7.29
N ASP A 127 0.87 3.82 7.69
CA ASP A 127 -0.50 4.26 7.91
C ASP A 127 -0.86 4.35 9.39
N SER A 128 0.15 4.47 10.26
CA SER A 128 -0.07 4.58 11.69
C SER A 128 -0.63 5.93 12.12
N TRP A 129 -0.48 6.96 11.29
CA TRP A 129 -1.03 8.27 11.62
C TRP A 129 -2.27 8.55 10.78
N ASN A 130 -2.41 9.76 10.27
CA ASN A 130 -3.66 10.16 9.62
C ASN A 130 -3.79 9.68 8.19
N ASN A 131 -2.78 8.98 7.64
CA ASN A 131 -2.78 8.73 6.21
C ASN A 131 -3.02 7.27 5.88
N PRO A 132 -3.63 6.99 4.74
CA PRO A 132 -3.80 5.60 4.29
C PRO A 132 -2.50 5.03 3.75
N THR A 133 -2.58 3.78 3.28
CA THR A 133 -1.47 3.18 2.55
C THR A 133 -1.19 4.01 1.30
N VAL A 134 0.07 4.42 1.14
CA VAL A 134 0.43 5.30 0.03
C VAL A 134 0.03 4.65 -1.28
N GLN A 135 -0.62 5.43 -2.15
CA GLN A 135 -1.00 4.98 -3.48
C GLN A 135 -0.38 5.89 -4.52
N GLU A 136 -0.02 5.30 -5.66
CA GLU A 136 0.73 6.03 -6.68
C GLU A 136 -0.07 7.15 -7.33
N SER A 137 -1.40 7.09 -7.30
CA SER A 137 -2.22 8.16 -7.86
C SER A 137 -1.87 9.51 -7.24
N THR A 138 -1.53 9.51 -5.94
CA THR A 138 -1.14 10.74 -5.24
C THR A 138 -0.09 11.53 -6.03
N PHE A 139 0.90 10.84 -6.58
CA PHE A 139 1.96 11.52 -7.32
C PHE A 139 1.48 12.03 -8.68
N ASP A 140 0.44 11.44 -9.26
CA ASP A 140 -0.21 12.04 -10.42
C ASP A 140 -0.72 13.44 -10.07
N TYR A 141 -1.46 13.55 -8.96
CA TYR A 141 -1.99 14.83 -8.52
C TYR A 141 -0.88 15.85 -8.34
N VAL A 142 0.19 15.46 -7.64
CA VAL A 142 1.31 16.36 -7.39
C VAL A 142 1.89 16.88 -8.70
N LYS A 143 2.07 15.97 -9.67
CA LYS A 143 2.51 16.40 -11.01
C LYS A 143 1.46 17.30 -11.67
N ALA A 144 0.18 16.91 -11.58
CA ALA A 144 -0.87 17.67 -12.25
C ALA A 144 -1.02 19.07 -11.68
N ALA A 145 -0.77 19.23 -10.38
CA ALA A 145 -0.92 20.54 -9.75
C ALA A 145 0.26 21.47 -10.00
N GLY A 146 1.34 20.98 -10.61
CA GLY A 146 2.44 21.83 -11.02
C GLY A 146 3.72 21.68 -10.24
N PHE A 147 3.80 20.77 -9.28
CA PHE A 147 5.05 20.56 -8.58
C PHE A 147 6.02 19.76 -9.46
N LYS A 148 7.30 20.06 -9.32
CA LYS A 148 8.33 19.35 -10.08
C LYS A 148 8.97 18.21 -9.30
N SER A 149 8.78 18.16 -7.98
CA SER A 149 9.54 17.24 -7.16
C SER A 149 8.76 16.88 -5.90
N VAL A 150 9.14 15.76 -5.29
CA VAL A 150 8.51 15.23 -4.09
C VAL A 150 9.60 14.98 -3.05
N ARG A 151 9.43 15.54 -1.86
CA ARG A 151 10.28 15.20 -0.73
C ARG A 151 9.62 14.08 0.06
N LEU A 152 10.41 13.07 0.39
CA LEU A 152 9.89 11.81 0.93
C LEU A 152 10.46 11.57 2.32
N PRO A 153 9.79 12.06 3.36
CA PRO A 153 10.29 11.82 4.74
C PRO A 153 10.09 10.36 5.13
N VAL A 154 11.09 9.79 5.79
CA VAL A 154 11.07 8.39 6.19
C VAL A 154 11.59 8.25 7.62
N THR A 155 10.78 7.65 8.49
CA THR A 155 11.18 7.37 9.87
C THR A 155 11.60 5.91 9.97
N TRP A 156 12.89 5.68 10.22
CA TRP A 156 13.46 4.33 10.28
C TRP A 156 13.44 3.74 11.68
N THR A 157 13.12 4.56 12.69
CA THR A 157 13.19 4.17 14.09
C THR A 157 12.62 2.77 14.36
N HIS A 158 11.44 2.50 13.82
CA HIS A 158 10.67 1.29 14.15
C HIS A 158 10.80 0.21 13.09
N HIS A 159 11.86 0.24 12.28
CA HIS A 159 12.04 -0.74 11.21
C HIS A 159 13.40 -1.42 11.27
N PHE A 160 14.01 -1.48 12.45
CA PHE A 160 15.23 -2.23 12.68
C PHE A 160 14.89 -3.64 13.16
N THR A 161 15.46 -4.65 12.50
CA THR A 161 15.26 -6.03 12.90
C THR A 161 16.38 -6.57 13.79
N SER A 162 17.51 -5.88 13.84
CA SER A 162 18.60 -6.21 14.74
C SER A 162 19.03 -4.97 15.49
N GLU A 163 19.63 -5.17 16.65
CA GLU A 163 20.15 -4.03 17.40
C GLU A 163 21.66 -3.91 17.19
N SER A 164 22.38 -3.53 18.23
CA SER A 164 23.82 -3.42 18.11
C SER A 164 24.42 -4.81 17.96
N PRO A 165 25.42 -4.98 17.10
CA PRO A 165 26.00 -3.93 16.23
C PRO A 165 25.22 -3.78 14.93
N ASP A 166 24.92 -4.88 14.25
CA ASP A 166 24.43 -4.90 12.87
C ASP A 166 23.44 -3.77 12.55
N TRP A 167 22.55 -3.46 13.49
CA TRP A 167 21.47 -2.47 13.29
C TRP A 167 20.84 -2.64 11.91
N THR A 168 20.36 -3.85 11.66
CA THR A 168 19.84 -4.21 10.34
C THR A 168 18.44 -3.65 10.14
N VAL A 169 18.20 -3.03 8.99
CA VAL A 169 16.89 -2.53 8.63
C VAL A 169 16.16 -3.60 7.82
N ASP A 170 14.88 -3.82 8.16
CA ASP A 170 14.00 -4.75 7.48
C ASP A 170 14.13 -4.60 5.97
N PRO A 171 14.46 -5.67 5.25
CA PRO A 171 14.48 -5.59 3.78
C PRO A 171 13.13 -5.22 3.18
N LYS A 172 12.03 -5.59 3.85
CA LYS A 172 10.70 -5.26 3.34
C LYS A 172 10.44 -3.76 3.41
N TRP A 173 10.94 -3.09 4.45
CA TRP A 173 10.81 -1.63 4.53
C TRP A 173 11.68 -0.96 3.48
N LEU A 174 12.97 -1.35 3.41
CA LEU A 174 13.86 -0.84 2.38
C LEU A 174 13.30 -1.06 0.98
N GLN A 175 12.52 -2.13 0.79
CA GLN A 175 11.89 -2.35 -0.50
C GLN A 175 10.73 -1.40 -0.72
N ARG A 176 9.92 -1.15 0.31
CA ARG A 176 8.81 -0.20 0.18
C ARG A 176 9.33 1.21 -0.08
N VAL A 177 10.34 1.64 0.69
CA VAL A 177 10.97 2.94 0.46
C VAL A 177 11.48 3.01 -0.97
N SER A 178 12.19 1.96 -1.41
CA SER A 178 12.71 1.93 -2.78
C SER A 178 11.58 2.01 -3.80
N ASP A 179 10.47 1.32 -3.55
CA ASP A 179 9.36 1.37 -4.49
C ASP A 179 8.71 2.74 -4.52
N VAL A 180 8.62 3.41 -3.37
CA VAL A 180 8.00 4.73 -3.39
C VAL A 180 8.82 5.70 -4.20
N ILE A 181 10.15 5.62 -4.07
CA ILE A 181 11.01 6.44 -4.90
C ILE A 181 10.76 6.17 -6.38
N ASP A 182 10.49 4.91 -6.76
CA ASP A 182 10.23 4.58 -8.16
C ASP A 182 8.95 5.25 -8.65
N MET A 183 7.89 5.23 -7.83
CA MET A 183 6.64 5.88 -8.22
C MET A 183 6.84 7.37 -8.48
N ILE A 184 7.70 8.01 -7.68
CA ILE A 184 7.90 9.45 -7.81
C ILE A 184 8.70 9.78 -9.06
N THR A 185 9.85 9.10 -9.24
CA THR A 185 10.70 9.42 -10.40
C THR A 185 10.04 9.01 -11.71
N SER A 186 9.35 7.87 -11.72
CA SER A 186 8.77 7.36 -12.97
C SER A 186 7.65 8.27 -13.48
N ARG A 187 7.12 9.15 -12.63
CA ARG A 187 6.20 10.20 -13.07
C ARG A 187 6.92 11.51 -13.32
N GLY A 188 8.25 11.47 -13.43
CA GLY A 188 9.05 12.63 -13.77
C GLY A 188 9.36 13.55 -12.63
N LEU A 189 9.00 13.20 -11.40
CA LEU A 189 9.23 14.06 -10.25
C LEU A 189 10.59 13.75 -9.64
N TYR A 190 11.35 14.80 -9.34
CA TYR A 190 12.56 14.63 -8.55
C TYR A 190 12.20 14.19 -7.14
N THR A 191 13.20 13.62 -6.45
CA THR A 191 12.96 13.05 -5.13
C THR A 191 14.10 13.38 -4.18
N ILE A 192 13.74 13.63 -2.93
CA ILE A 192 14.68 13.76 -1.81
C ILE A 192 14.18 12.87 -0.69
N VAL A 193 15.04 11.96 -0.21
CA VAL A 193 14.69 11.02 0.84
C VAL A 193 15.64 11.22 2.00
N ASN A 194 15.17 10.91 3.21
CA ASN A 194 15.90 11.31 4.42
C ASN A 194 15.75 10.27 5.51
N VAL A 195 16.33 10.60 6.66
CA VAL A 195 16.07 9.94 7.94
C VAL A 195 15.31 10.93 8.79
N HIS A 196 14.04 10.60 9.11
CA HIS A 196 13.15 11.63 9.65
C HIS A 196 13.11 11.67 11.17
N HIS A 197 12.02 11.18 11.77
CA HIS A 197 11.83 11.37 13.21
C HIS A 197 12.79 10.54 14.05
N ASP A 198 13.67 9.74 13.44
CA ASP A 198 14.86 9.27 14.13
C ASP A 198 15.65 10.42 14.73
N SER A 199 15.50 11.63 14.17
CA SER A 199 16.27 12.78 14.60
C SER A 199 16.18 13.03 16.10
N TRP A 200 14.97 12.93 16.64
CA TRP A 200 14.73 13.14 18.05
C TRP A 200 14.41 11.86 18.81
N GLU A 201 14.12 10.77 18.10
CA GLU A 201 13.78 9.52 18.78
C GLU A 201 15.02 8.80 19.29
N TRP A 202 16.14 8.85 18.55
CA TRP A 202 17.35 8.23 19.06
C TRP A 202 18.62 8.95 18.62
N ALA A 203 18.55 9.81 17.61
CA ALA A 203 19.73 10.53 17.16
C ALA A 203 19.90 11.87 17.87
N ASP A 204 19.16 12.09 18.95
CA ASP A 204 19.17 13.36 19.67
C ASP A 204 20.46 13.46 20.50
N VAL A 205 21.38 14.33 20.07
CA VAL A 205 22.64 14.49 20.82
C VAL A 205 22.52 15.48 21.97
N THR A 206 21.44 16.27 22.02
CA THR A 206 21.27 17.25 23.08
C THR A 206 20.76 16.61 24.37
N LYS A 207 20.21 15.41 24.30
CA LYS A 207 19.74 14.71 25.48
C LYS A 207 20.92 14.36 26.39
N SER A 208 20.70 14.45 27.70
CA SER A 208 21.79 14.37 28.66
C SER A 208 22.40 12.98 28.71
N ASP A 209 21.63 11.94 28.43
CA ASP A 209 22.11 10.57 28.52
C ASP A 209 22.49 10.00 27.15
N ALA A 210 22.57 10.82 26.12
CA ALA A 210 22.82 10.36 24.77
C ALA A 210 24.15 9.65 24.66
N ASN A 211 24.11 8.33 24.42
CA ASN A 211 25.31 7.58 24.06
C ASN A 211 25.70 7.97 22.65
N ILE A 212 26.65 8.90 22.54
CA ILE A 212 26.99 9.48 21.25
C ILE A 212 27.72 8.48 20.38
N THR A 213 28.55 7.61 20.97
CA THR A 213 29.20 6.57 20.18
C THR A 213 28.19 5.59 19.60
N GLN A 214 27.17 5.24 20.39
CA GLN A 214 26.13 4.36 19.86
C GLN A 214 25.26 5.06 18.82
N ILE A 215 25.02 6.37 18.99
CA ILE A 215 24.29 7.13 17.99
C ILE A 215 25.08 7.18 16.68
N GLU A 216 26.37 7.51 16.77
CA GLU A 216 27.19 7.62 15.56
C GLU A 216 27.23 6.31 14.79
N GLN A 217 27.39 5.19 15.51
CA GLN A 217 27.34 3.89 14.86
C GLN A 217 26.00 3.64 14.19
N LYS A 218 24.92 3.74 14.98
CA LYS A 218 23.59 3.43 14.46
C LYS A 218 23.23 4.28 13.25
N PHE A 219 23.67 5.55 13.23
CA PHE A 219 23.44 6.38 12.06
C PHE A 219 24.21 5.85 10.85
N GLU A 220 25.48 5.49 11.03
CA GLU A 220 26.27 5.01 9.90
C GLU A 220 25.80 3.64 9.42
N LYS A 221 25.46 2.75 10.34
CA LYS A 221 24.83 1.49 9.95
C LYS A 221 23.60 1.76 9.10
N LEU A 222 22.81 2.77 9.47
CA LEU A 222 21.56 3.04 8.77
C LEU A 222 21.81 3.56 7.36
N TRP A 223 22.64 4.60 7.22
CA TRP A 223 22.85 5.16 5.89
C TRP A 223 23.62 4.24 4.97
N TYR A 224 24.43 3.33 5.53
CA TYR A 224 25.05 2.31 4.68
C TYR A 224 23.99 1.40 4.06
N GLN A 225 22.98 1.03 4.83
CA GLN A 225 21.91 0.18 4.30
C GLN A 225 21.00 0.93 3.34
N ILE A 226 20.63 2.16 3.69
CA ILE A 226 19.87 2.99 2.74
C ILE A 226 20.69 3.22 1.48
N GLY A 227 21.97 3.55 1.65
CA GLY A 227 22.81 3.83 0.50
C GLY A 227 22.87 2.68 -0.48
N THR A 228 23.08 1.44 0.01
CA THR A 228 23.22 0.31 -0.90
C THR A 228 21.93 0.07 -1.69
N LYS A 229 20.77 0.08 -1.01
CA LYS A 229 19.52 -0.22 -1.69
C LYS A 229 19.20 0.84 -2.75
N LEU A 230 19.52 2.10 -2.48
CA LEU A 230 19.27 3.19 -3.41
C LEU A 230 20.50 3.56 -4.22
N ALA A 231 21.57 2.78 -4.12
CA ALA A 231 22.82 3.13 -4.79
C ALA A 231 22.66 3.25 -6.30
N CYS A 232 21.72 2.51 -6.89
CA CYS A 232 21.56 2.47 -8.34
C CYS A 232 20.46 3.39 -8.86
N LYS A 233 19.84 4.19 -7.98
CA LYS A 233 18.82 5.13 -8.42
C LYS A 233 19.42 6.23 -9.29
N SER A 234 18.61 6.76 -10.20
CA SER A 234 19.05 7.85 -11.07
C SER A 234 19.38 9.09 -10.25
N SER A 235 20.02 10.05 -10.90
CA SER A 235 20.36 11.31 -10.25
C SER A 235 19.12 12.06 -9.78
N MET A 236 17.94 11.71 -10.28
CA MET A 236 16.69 12.35 -9.90
C MET A 236 16.33 12.02 -8.46
N VAL A 237 17.18 11.25 -7.79
CA VAL A 237 17.05 10.95 -6.37
C VAL A 237 18.21 11.57 -5.63
N ALA A 238 17.89 12.36 -4.61
CA ALA A 238 18.88 12.96 -3.72
C ALA A 238 18.69 12.42 -2.31
N PHE A 239 19.76 12.51 -1.53
CA PHE A 239 19.78 12.04 -0.15
C PHE A 239 19.87 13.23 0.79
N GLU A 240 19.09 13.20 1.86
CA GLU A 240 19.08 14.25 2.86
C GLU A 240 19.50 13.67 4.20
N THR A 241 20.48 14.33 4.84
CA THR A 241 21.19 13.75 5.98
C THR A 241 20.23 13.31 7.09
N ILE A 242 19.49 14.25 7.66
CA ILE A 242 18.65 14.01 8.83
C ILE A 242 17.72 15.19 9.04
N ASN A 243 16.52 14.91 9.55
CA ASN A 243 15.49 15.93 9.70
C ASN A 243 15.68 16.68 11.01
N GLU A 244 15.35 17.98 11.00
CA GLU A 244 15.41 18.93 12.11
C GLU A 244 16.12 18.38 13.34
N PRO A 245 17.44 18.19 13.28
CA PRO A 245 18.14 17.52 14.37
C PRO A 245 18.32 18.45 15.55
N PRO A 246 17.91 18.02 16.74
CA PRO A 246 18.00 18.90 17.92
C PRO A 246 19.42 19.41 18.14
N CYS A 247 19.54 20.70 18.43
CA CYS A 247 20.84 21.34 18.55
C CYS A 247 20.68 22.66 19.31
N ASN A 248 21.44 22.83 20.39
CA ASN A 248 21.31 23.98 21.26
C ASN A 248 22.59 24.77 21.51
N THR A 249 23.76 24.15 21.36
CA THR A 249 25.03 24.79 21.68
C THR A 249 25.93 24.79 20.45
N ALA A 250 26.94 25.66 20.48
CA ALA A 250 28.05 25.52 19.54
C ALA A 250 28.68 24.15 19.65
N GLU A 251 28.73 23.59 20.87
CA GLU A 251 29.24 22.24 21.04
C GLU A 251 28.34 21.21 20.37
N ASP A 252 27.02 21.40 20.46
CA ASP A 252 26.09 20.52 19.77
C ASP A 252 26.19 20.67 18.25
N GLY A 253 26.56 21.87 17.78
CA GLY A 253 26.62 22.10 16.35
C GLY A 253 27.71 21.29 15.66
N ALA A 254 28.87 21.16 16.31
CA ALA A 254 29.91 20.29 15.78
C ALA A 254 29.41 18.86 15.64
N LYS A 255 28.58 18.41 16.60
CA LYS A 255 27.96 17.10 16.47
C LYS A 255 26.96 17.08 15.33
N ILE A 256 26.40 18.23 14.95
CA ILE A 256 25.55 18.29 13.77
C ILE A 256 26.38 18.11 12.51
N ASN A 257 27.50 18.84 12.41
CA ASN A 257 28.38 18.70 11.25
C ASN A 257 28.91 17.27 11.13
N LYS A 258 29.20 16.63 12.26
CA LYS A 258 29.69 15.25 12.21
C LYS A 258 28.64 14.33 11.62
N PHE A 259 27.36 14.57 11.93
CA PHE A 259 26.29 13.80 11.29
C PHE A 259 26.41 13.85 9.77
N ASN A 260 26.75 15.02 9.22
CA ASN A 260 26.92 15.16 7.77
C ASN A 260 28.09 14.32 7.27
N GLU A 261 29.18 14.27 8.03
CA GLU A 261 30.38 13.55 7.60
C GLU A 261 30.16 12.04 7.65
N ILE A 262 29.63 11.55 8.78
CA ILE A 262 29.30 10.14 8.91
C ILE A 262 28.41 9.69 7.77
N PHE A 263 27.42 10.53 7.43
CA PHE A 263 26.48 10.23 6.35
C PHE A 263 27.22 10.11 5.02
N LEU A 264 28.04 11.11 4.68
CA LEU A 264 28.75 11.09 3.40
C LEU A 264 29.74 9.92 3.31
N ARG A 265 30.42 9.59 4.40
CA ARG A 265 31.36 8.48 4.37
C ARG A 265 30.62 7.15 4.19
N ALA A 266 29.41 7.06 4.73
CA ALA A 266 28.62 5.84 4.56
C ALA A 266 28.08 5.72 3.13
N ILE A 267 27.55 6.81 2.57
CA ILE A 267 26.91 6.71 1.26
C ILE A 267 27.93 6.41 0.17
N ASN A 268 29.16 6.92 0.29
CA ASN A 268 30.16 6.66 -0.73
C ASN A 268 30.76 5.27 -0.58
N ARG A 269 30.96 4.81 0.66
CA ARG A 269 31.39 3.43 0.90
C ARG A 269 30.35 2.42 0.41
N ALA A 270 29.08 2.82 0.34
CA ALA A 270 28.03 1.95 -0.20
C ALA A 270 28.08 1.84 -1.71
N GLY A 271 28.79 2.75 -2.37
CA GLY A 271 29.05 2.63 -3.80
C GLY A 271 27.87 2.96 -4.70
N GLY A 272 27.72 2.19 -5.78
CA GLY A 272 26.71 2.50 -6.77
C GLY A 272 27.02 3.82 -7.48
N PHE A 273 25.98 4.63 -7.65
CA PHE A 273 26.12 5.96 -8.22
C PHE A 273 26.28 7.05 -7.16
N ASN A 274 26.41 6.67 -5.90
CA ASN A 274 26.28 7.64 -4.80
C ASN A 274 27.41 8.66 -4.79
N ALA A 275 28.59 8.31 -5.31
CA ALA A 275 29.70 9.25 -5.33
C ALA A 275 29.40 10.49 -6.17
N LYS A 276 28.44 10.40 -7.09
CA LYS A 276 28.02 11.55 -7.87
C LYS A 276 26.56 11.89 -7.63
N ARG A 277 25.94 11.35 -6.58
CA ARG A 277 24.55 11.64 -6.30
C ARG A 277 24.42 12.97 -5.57
N VAL A 278 23.38 13.72 -5.91
CA VAL A 278 23.10 14.98 -5.23
C VAL A 278 22.68 14.70 -3.80
N VAL A 279 23.19 15.51 -2.86
CA VAL A 279 22.87 15.34 -1.45
C VAL A 279 22.51 16.70 -0.84
N ASN A 280 21.85 16.64 0.33
CA ASN A 280 21.42 17.82 1.08
C ASN A 280 21.96 17.74 2.50
N LEU A 281 22.93 18.59 2.83
CA LEU A 281 23.47 18.64 4.17
C LEU A 281 22.67 19.60 5.03
N VAL A 282 22.71 19.36 6.35
CA VAL A 282 21.80 20.04 7.27
C VAL A 282 22.60 20.70 8.40
N GLY A 283 21.98 21.70 9.01
CA GLY A 283 22.49 22.35 10.18
C GLY A 283 21.57 22.14 11.37
N GLY A 284 22.02 22.64 12.52
CA GLY A 284 21.28 22.50 13.76
C GLY A 284 19.81 22.85 13.68
N GLY A 285 18.96 21.90 14.06
CA GLY A 285 17.52 22.08 14.02
C GLY A 285 16.95 22.46 12.67
N MET A 286 17.80 22.44 11.63
CA MET A 286 17.47 23.02 10.33
C MET A 286 16.96 24.46 10.47
N ASP A 287 17.48 25.17 11.47
CA ASP A 287 17.15 26.57 11.69
C ASP A 287 18.13 27.44 10.91
N SER A 288 17.61 28.56 10.38
CA SER A 288 18.45 29.45 9.58
C SER A 288 19.66 29.95 10.37
N VAL A 289 19.46 30.32 11.63
CA VAL A 289 20.52 30.93 12.42
C VAL A 289 21.48 29.87 12.95
N LYS A 290 20.94 28.79 13.51
CA LYS A 290 21.80 27.69 13.95
C LYS A 290 22.69 27.19 12.80
N THR A 291 22.13 27.13 11.59
CA THR A 291 22.92 26.78 10.43
C THR A 291 23.92 27.88 10.08
N SER A 292 23.48 29.14 10.10
CA SER A 292 24.40 30.25 9.88
C SER A 292 25.46 30.30 10.97
N GLN A 293 25.08 30.01 12.22
CA GLN A 293 26.04 30.10 13.32
C GLN A 293 27.07 28.98 13.29
N TRP A 294 26.63 27.73 13.05
CA TRP A 294 27.46 26.57 13.35
C TRP A 294 27.76 25.63 12.19
N PHE A 295 27.04 25.72 11.07
CA PHE A 295 27.28 24.79 9.97
C PHE A 295 28.65 25.03 9.35
N LYS A 296 29.38 23.94 9.09
CA LYS A 296 30.65 23.99 8.39
C LYS A 296 30.69 22.88 7.34
N THR A 297 31.14 23.22 6.16
CA THR A 297 31.12 22.26 5.05
C THR A 297 32.13 21.15 5.27
N PRO A 298 31.74 19.88 5.13
CA PRO A 298 32.70 18.79 5.33
C PRO A 298 33.93 18.94 4.45
N ALA A 299 35.09 18.68 5.05
CA ALA A 299 36.36 18.82 4.37
C ALA A 299 36.53 17.74 3.30
N ASN A 300 37.16 18.12 2.18
CA ASN A 300 37.45 17.22 1.06
C ASN A 300 36.19 16.57 0.50
N ILE A 301 35.07 17.28 0.55
CA ILE A 301 33.80 16.71 0.09
C ILE A 301 33.80 16.59 -1.44
N THR A 302 33.20 15.51 -1.95
CA THR A 302 33.17 15.26 -3.39
C THR A 302 31.79 15.07 -4.00
N ASN A 303 30.76 14.77 -3.21
CA ASN A 303 29.41 14.73 -3.75
C ASN A 303 28.95 16.13 -4.15
N PRO A 304 28.12 16.24 -5.18
CA PRO A 304 27.41 17.51 -5.40
C PRO A 304 26.40 17.72 -4.28
N TRP A 305 26.49 18.87 -3.62
CA TRP A 305 25.77 19.05 -2.37
C TRP A 305 25.06 20.39 -2.35
N ALA A 306 23.95 20.44 -1.62
CA ALA A 306 23.22 21.67 -1.37
C ALA A 306 22.85 21.72 0.11
N LEU A 307 22.44 22.90 0.56
CA LEU A 307 22.00 23.10 1.93
C LEU A 307 20.47 23.05 2.00
N GLN A 308 19.94 22.51 3.09
CA GLN A 308 18.50 22.47 3.32
C GLN A 308 18.17 23.06 4.68
N PHE A 309 17.15 23.93 4.70
CA PHE A 309 16.64 24.48 5.94
C PHE A 309 15.12 24.49 5.88
N HIS A 310 14.50 24.64 7.05
CA HIS A 310 13.05 24.75 7.18
C HIS A 310 12.70 26.15 7.69
N PHE A 311 11.46 26.56 7.43
CA PHE A 311 11.00 27.91 7.75
C PHE A 311 9.59 27.83 8.33
N TYR A 312 9.48 27.97 9.65
CA TYR A 312 8.17 28.03 10.30
C TYR A 312 8.03 29.34 11.07
N SER A 313 8.34 30.43 10.41
CA SER A 313 8.34 31.76 11.00
C SER A 313 7.45 32.71 10.21
N PRO A 314 6.85 33.70 10.87
CA PRO A 314 6.95 34.01 12.30
C PRO A 314 6.18 33.00 13.13
N TYR A 315 6.64 32.70 14.35
CA TYR A 315 6.01 31.67 15.17
C TYR A 315 4.54 32.00 15.43
N ASP A 316 4.22 33.27 15.68
CA ASP A 316 2.88 33.60 16.17
C ASP A 316 1.80 33.31 15.11
N PHE A 317 1.99 33.82 13.89
CA PHE A 317 0.99 33.59 12.84
C PHE A 317 0.98 32.13 12.42
N ILE A 318 2.16 31.56 12.18
CA ILE A 318 2.23 30.22 11.60
C ILE A 318 1.68 29.18 12.55
N PHE A 319 1.89 29.37 13.85
CA PHE A 319 1.46 28.39 14.84
C PHE A 319 0.20 28.80 15.58
N SER A 320 -0.40 29.93 15.22
CA SER A 320 -1.60 30.46 15.87
C SER A 320 -1.40 30.57 17.38
N ALA A 321 -0.44 31.39 17.76
CA ALA A 321 -0.14 31.70 19.14
C ALA A 321 -0.56 33.13 19.46
N TRP A 322 -0.94 33.36 20.72
CA TRP A 322 -1.14 34.71 21.27
C TRP A 322 -2.05 35.56 20.38
N GLY A 323 -3.14 34.96 19.90
CA GLY A 323 -4.16 35.66 19.16
C GLY A 323 -3.75 36.22 17.81
N LYS A 324 -2.48 36.11 17.42
CA LYS A 324 -2.05 36.60 16.11
C LYS A 324 -2.79 35.83 15.03
N THR A 325 -3.64 36.55 14.29
CA THR A 325 -4.44 35.99 13.21
C THR A 325 -4.32 36.83 11.95
N ILE A 326 -3.29 37.67 11.87
CA ILE A 326 -3.10 38.58 10.75
C ILE A 326 -1.63 38.58 10.37
N TRP A 327 -1.36 38.73 9.07
CA TRP A 327 -0.01 38.81 8.55
C TRP A 327 -0.08 39.66 7.28
N GLY A 328 0.98 40.44 7.04
CA GLY A 328 1.05 41.22 5.83
C GLY A 328 1.45 42.67 6.04
N SER A 329 1.80 43.04 7.26
CA SER A 329 2.28 44.39 7.49
C SER A 329 3.69 44.55 6.92
N ASP A 330 4.12 45.82 6.81
CA ASP A 330 5.46 46.07 6.31
C ASP A 330 6.53 45.47 7.22
N SER A 331 6.27 45.41 8.52
CA SER A 331 7.22 44.76 9.41
C SER A 331 7.21 43.25 9.24
N ASP A 332 6.01 42.66 9.11
CA ASP A 332 5.90 41.24 8.77
C ASP A 332 6.80 40.90 7.59
N LYS A 333 6.73 41.71 6.53
CA LYS A 333 7.49 41.43 5.32
C LYS A 333 8.99 41.62 5.55
N SER A 334 9.38 42.66 6.30
CA SER A 334 10.79 42.92 6.52
C SER A 334 11.43 41.82 7.37
N GLU A 335 10.71 41.30 8.36
CA GLU A 335 11.26 40.25 9.21
C GLU A 335 11.47 38.95 8.43
N LEU A 336 10.50 38.58 7.60
CA LEU A 336 10.66 37.39 6.76
C LEU A 336 11.86 37.56 5.82
N ASP A 337 11.86 38.63 5.03
CA ASP A 337 12.97 38.90 4.13
C ASP A 337 14.30 38.95 4.87
N SER A 338 14.30 39.37 6.13
CA SER A 338 15.54 39.46 6.89
C SER A 338 16.05 38.08 7.27
N THR A 339 15.16 37.18 7.67
CA THR A 339 15.58 35.83 8.05
C THR A 339 16.24 35.11 6.89
N LEU A 340 15.59 35.14 5.72
CA LEU A 340 16.13 34.42 4.57
C LEU A 340 17.38 35.10 4.02
N GLY A 341 17.51 36.41 4.21
CA GLY A 341 18.63 37.12 3.62
C GLY A 341 19.93 36.90 4.35
N LEU A 342 19.88 36.78 5.68
CA LEU A 342 21.09 36.51 6.46
C LEU A 342 21.60 35.09 6.28
N LEU A 343 20.73 34.13 5.93
CA LEU A 343 21.20 32.79 5.60
C LEU A 343 21.96 32.79 4.28
N ARG A 344 21.31 33.27 3.20
CA ARG A 344 21.98 33.39 1.91
C ARG A 344 23.23 34.24 1.99
N GLY A 345 23.25 35.25 2.85
CA GLY A 345 24.45 36.06 3.01
C GLY A 345 25.61 35.29 3.60
N ASN A 346 25.33 34.30 4.44
CA ASN A 346 26.39 33.46 4.99
C ASN A 346 26.89 32.40 4.00
N PHE A 347 26.02 31.96 3.04
CA PHE A 347 26.28 30.81 2.16
C PHE A 347 25.95 31.19 0.70
N THR A 348 26.80 32.03 0.12
CA THR A 348 26.40 32.80 -1.06
C THR A 348 26.28 31.94 -2.32
N ASP A 349 27.23 31.03 -2.54
CA ASP A 349 27.27 30.23 -3.76
C ASP A 349 26.76 28.82 -3.53
N VAL A 350 26.01 28.59 -2.47
CA VAL A 350 25.50 27.26 -2.13
C VAL A 350 24.04 27.18 -2.58
N PRO A 351 23.66 26.17 -3.36
CA PRO A 351 22.23 25.94 -3.60
C PRO A 351 21.50 25.68 -2.28
N ILE A 352 20.34 26.32 -2.13
CA ILE A 352 19.63 26.33 -0.87
C ILE A 352 18.23 25.77 -1.10
N VAL A 353 17.91 24.69 -0.41
CA VAL A 353 16.60 24.05 -0.49
C VAL A 353 15.82 24.41 0.77
N LEU A 354 14.62 24.94 0.57
CA LEU A 354 13.66 25.19 1.64
C LEU A 354 12.74 23.96 1.71
N GLY A 355 13.01 23.08 2.67
CA GLY A 355 12.43 21.74 2.63
C GLY A 355 11.02 21.64 3.17
N GLU A 356 10.70 22.39 4.22
CA GLU A 356 9.35 22.45 4.78
C GLU A 356 8.94 23.90 4.95
N PHE A 357 7.69 24.19 4.62
CA PHE A 357 7.04 25.44 5.00
C PHE A 357 5.54 25.24 4.88
N ASP A 358 4.79 25.92 5.75
CA ASP A 358 3.33 25.82 5.68
C ASP A 358 2.61 26.77 6.61
N ALA A 359 1.89 27.75 6.03
CA ALA A 359 0.78 28.38 6.73
C ALA A 359 -0.43 27.52 6.42
N SER A 360 -0.70 26.57 7.30
CA SER A 360 -1.67 25.53 7.00
C SER A 360 -3.08 26.11 6.99
N PRO A 361 -3.90 25.76 5.99
CA PRO A 361 -5.31 26.20 5.99
C PRO A 361 -6.11 25.69 7.18
N THR A 362 -5.57 24.75 7.97
CA THR A 362 -6.28 24.28 9.14
C THR A 362 -6.43 25.36 10.19
N ASN A 363 -5.36 26.15 10.42
CA ASN A 363 -5.36 27.12 11.50
C ASN A 363 -5.19 28.57 11.07
N THR A 364 -4.80 28.84 9.83
CA THR A 364 -4.55 30.22 9.41
C THR A 364 -5.78 30.84 8.76
N GLU A 365 -5.87 32.17 8.87
CA GLU A 365 -6.90 32.90 8.14
C GLU A 365 -6.49 33.02 6.68
N PRO A 366 -7.42 32.78 5.73
CA PRO A 366 -7.00 32.62 4.32
C PRO A 366 -6.24 33.80 3.71
N ALA A 367 -6.75 35.02 3.87
CA ALA A 367 -6.13 36.17 3.21
C ALA A 367 -4.70 36.40 3.69
N ALA A 368 -4.47 36.32 5.00
CA ALA A 368 -3.10 36.41 5.51
C ALA A 368 -2.27 35.23 5.03
N ARG A 369 -2.89 34.05 4.94
CA ARG A 369 -2.20 32.86 4.44
C ARG A 369 -1.72 33.06 3.00
N TRP A 370 -2.61 33.54 2.14
CA TRP A 370 -2.25 33.77 0.73
C TRP A 370 -1.24 34.90 0.58
N LYS A 371 -1.34 35.94 1.43
CA LYS A 371 -0.34 36.99 1.40
C LYS A 371 1.03 36.46 1.80
N TYR A 372 1.06 35.51 2.73
CA TYR A 372 2.32 35.00 3.26
C TYR A 372 3.02 34.11 2.24
N HIS A 373 2.28 33.20 1.61
CA HIS A 373 2.88 32.31 0.60
C HIS A 373 3.37 33.11 -0.60
N ASP A 374 2.63 34.15 -1.00
CA ASP A 374 3.10 35.01 -2.08
C ASP A 374 4.43 35.65 -1.73
N TYR A 375 4.55 36.21 -0.52
CA TYR A 375 5.78 36.86 -0.15
C TYR A 375 6.90 35.85 0.17
N LEU A 376 6.56 34.61 0.50
CA LEU A 376 7.59 33.60 0.66
C LEU A 376 8.17 33.19 -0.70
N ILE A 377 7.31 32.81 -1.65
CA ILE A 377 7.78 32.48 -3.00
C ILE A 377 8.58 33.65 -3.57
N ARG A 378 8.05 34.87 -3.43
CA ARG A 378 8.80 36.06 -3.87
C ARG A 378 10.17 36.12 -3.22
N SER A 379 10.25 35.77 -1.93
CA SER A 379 11.52 35.85 -1.23
C SER A 379 12.48 34.75 -1.68
N THR A 380 12.00 33.51 -1.74
CA THR A 380 12.85 32.39 -2.16
C THR A 380 13.43 32.63 -3.54
N LYS A 381 12.65 33.25 -4.43
CA LYS A 381 13.16 33.59 -5.75
C LYS A 381 14.26 34.64 -5.64
N LYS A 382 14.06 35.65 -4.81
CA LYS A 382 15.05 36.73 -4.67
C LYS A 382 16.37 36.18 -4.14
N TYR A 383 16.33 35.17 -3.28
CA TYR A 383 17.52 34.60 -2.68
C TYR A 383 17.93 33.29 -3.34
N ASN A 384 17.35 32.95 -4.49
CA ASN A 384 17.68 31.76 -5.27
C ASN A 384 17.54 30.50 -4.41
N MET A 385 16.33 30.33 -3.87
CA MET A 385 16.04 29.21 -3.00
C MET A 385 14.81 28.50 -3.54
N SER A 386 14.85 27.16 -3.56
CA SER A 386 13.75 26.37 -4.08
C SER A 386 12.88 25.86 -2.95
N PRO A 387 11.61 26.21 -2.90
CA PRO A 387 10.76 25.80 -1.77
C PRO A 387 10.09 24.46 -1.97
N ILE A 388 9.82 23.81 -0.84
CA ILE A 388 9.02 22.59 -0.77
C ILE A 388 8.02 22.77 0.36
N ILE A 389 6.74 22.63 0.04
CA ILE A 389 5.65 22.87 0.97
C ILE A 389 5.42 21.63 1.82
N TRP A 390 5.25 21.82 3.12
CA TRP A 390 4.84 20.72 3.98
C TRP A 390 3.35 20.48 3.86
N ASP A 391 2.98 19.22 3.63
CA ASP A 391 1.59 18.80 3.56
C ASP A 391 1.51 17.44 4.25
N ASN A 392 0.96 17.41 5.46
CA ASN A 392 0.86 16.18 6.24
C ASN A 392 -0.32 15.31 5.83
N GLY A 393 -0.93 15.57 4.67
CA GLY A 393 -2.10 14.86 4.20
C GLY A 393 -3.41 15.60 4.44
N LEU A 394 -3.45 16.47 5.45
CA LEU A 394 -4.65 17.23 5.78
C LEU A 394 -4.56 18.71 5.44
N ASP A 395 -3.35 19.25 5.30
CA ASP A 395 -3.21 20.68 5.10
C ASP A 395 -3.59 21.08 3.68
N HIS A 396 -3.20 20.29 2.68
CA HIS A 396 -3.43 20.71 1.30
C HIS A 396 -4.06 19.63 0.44
N LEU A 397 -3.28 18.73 -0.13
CA LEU A 397 -3.83 17.75 -1.06
C LEU A 397 -4.59 16.67 -0.30
N ASP A 398 -5.84 16.45 -0.70
CA ASP A 398 -6.60 15.28 -0.29
C ASP A 398 -6.23 14.15 -1.24
N ARG A 399 -5.40 13.22 -0.74
CA ARG A 399 -4.96 12.10 -1.57
C ARG A 399 -6.12 11.25 -2.04
N SER A 400 -7.22 11.23 -1.29
CA SER A 400 -8.35 10.38 -1.61
C SER A 400 -9.20 10.90 -2.76
N SER A 401 -9.05 12.17 -3.11
CA SER A 401 -9.91 12.78 -4.13
C SER A 401 -9.16 13.58 -5.19
N GLY A 402 -7.89 13.93 -4.98
CA GLY A 402 -7.20 14.84 -5.86
C GLY A 402 -7.65 16.28 -5.74
N ILE A 403 -8.47 16.59 -4.75
CA ILE A 403 -8.89 17.96 -4.49
C ILE A 403 -7.83 18.63 -3.62
N TRP A 404 -7.37 19.81 -4.03
CA TRP A 404 -6.58 20.64 -3.15
C TRP A 404 -7.52 21.47 -2.28
N ARG A 405 -7.33 21.41 -0.96
CA ARG A 405 -8.18 22.18 -0.06
C ARG A 405 -7.98 23.67 -0.25
N ASP A 406 -6.74 24.09 -0.53
CA ASP A 406 -6.37 25.48 -0.73
C ASP A 406 -5.76 25.61 -2.12
N PRO A 407 -6.58 25.52 -3.17
CA PRO A 407 -6.02 25.67 -4.53
C PRO A 407 -5.46 27.05 -4.81
N VAL A 408 -5.88 28.08 -4.09
CA VAL A 408 -5.31 29.40 -4.32
C VAL A 408 -3.83 29.41 -3.97
N SER A 409 -3.48 28.95 -2.77
CA SER A 409 -2.07 28.76 -2.45
C SER A 409 -1.33 28.03 -3.57
N ILE A 410 -1.73 26.78 -3.82
CA ILE A 410 -1.01 25.90 -4.73
C ILE A 410 -0.62 26.61 -6.01
N GLU A 411 -1.51 27.43 -6.56
CA GLU A 411 -1.18 28.16 -7.79
C GLU A 411 -0.08 29.19 -7.57
N ILE A 412 0.01 29.76 -6.37
CA ILE A 412 1.03 30.76 -6.10
C ILE A 412 2.41 30.11 -6.09
N ILE A 413 2.52 28.93 -5.50
CA ILE A 413 3.84 28.28 -5.41
C ILE A 413 4.21 27.66 -6.75
N THR A 414 3.23 27.17 -7.50
CA THR A 414 3.50 26.46 -8.73
C THR A 414 3.62 27.38 -9.94
N ASN A 415 3.31 28.67 -9.79
CA ASN A 415 3.53 29.69 -10.83
C ASN A 415 4.13 30.94 -10.18
N GLY A 416 5.37 30.82 -9.70
CA GLY A 416 6.03 31.93 -9.04
C GLY A 416 6.42 33.08 -9.95
N ASN A 417 6.41 32.86 -11.27
CA ASN A 417 6.81 33.89 -12.21
C ASN A 417 5.65 34.79 -12.63
N GLU A 418 4.49 34.66 -11.98
CA GLU A 418 3.35 35.53 -12.23
C GLU A 418 3.06 36.35 -10.99
N THR A 419 2.56 37.56 -11.20
CA THR A 419 2.12 38.43 -10.11
C THR A 419 0.64 38.16 -9.83
N ASN A 420 0.34 37.70 -8.62
CA ASN A 420 -1.03 37.40 -8.23
C ASN A 420 -1.62 38.58 -7.46
N SER A 421 -2.87 38.89 -7.73
CA SER A 421 -3.60 39.89 -6.97
C SER A 421 -4.37 39.20 -5.85
N LEU A 422 -4.17 39.68 -4.63
CA LEU A 422 -4.65 38.97 -3.46
C LEU A 422 -5.67 39.79 -2.70
N PRO A 423 -6.62 39.14 -2.04
CA PRO A 423 -7.55 39.87 -1.16
C PRO A 423 -6.81 40.50 0.01
N ASP A 424 -7.22 41.71 0.38
CA ASP A 424 -6.57 42.42 1.47
C ASP A 424 -7.14 41.98 2.82
N SER A 425 -6.44 42.36 3.88
CA SER A 425 -6.84 42.00 5.23
C SER A 425 -6.19 42.98 6.21
N THR A 426 -6.71 42.99 7.43
CA THR A 426 -6.12 43.80 8.47
C THR A 426 -4.72 43.30 8.79
N VAL A 427 -3.76 44.22 8.85
CA VAL A 427 -2.39 43.88 9.20
C VAL A 427 -1.86 44.73 10.36
N ASP A 428 -2.70 45.57 10.96
CA ASP A 428 -2.27 46.46 12.03
C ASP A 428 -2.47 45.76 13.37
N THR A 429 -1.37 45.62 14.13
CA THR A 429 -1.40 44.83 15.34
C THR A 429 -2.18 45.50 16.48
N SER A 430 -2.58 46.76 16.34
CA SER A 430 -3.31 47.45 17.39
C SER A 430 -4.75 47.80 17.00
N ALA A 431 -5.26 47.23 15.90
CA ALA A 431 -6.61 47.57 15.44
C ALA A 431 -7.67 46.88 16.29
N PRO A 432 -8.77 47.57 16.59
CA PRO A 432 -9.87 46.96 17.36
C PRO A 432 -10.87 46.17 16.53
N SER A 433 -10.64 45.99 15.23
CA SER A 433 -11.49 45.16 14.39
C SER A 433 -10.63 44.59 13.27
N GLN A 434 -11.00 43.41 12.78
CA GLN A 434 -10.21 42.71 11.78
C GLN A 434 -11.10 42.33 10.60
N SER A 435 -10.62 42.63 9.39
CA SER A 435 -11.33 42.32 8.16
C SER A 435 -10.46 41.47 7.25
N SER A 436 -11.12 40.79 6.33
CA SER A 436 -10.43 39.99 5.32
C SER A 436 -11.25 40.01 4.05
N SER A 437 -10.60 40.36 2.94
CA SER A 437 -11.27 40.33 1.64
C SER A 437 -11.38 38.92 1.08
N ALA A 438 -11.02 37.90 1.87
CA ALA A 438 -11.28 36.50 1.53
C ALA A 438 -12.64 36.03 1.99
N TYR A 439 -13.43 36.89 2.62
CA TYR A 439 -14.74 36.52 3.13
C TYR A 439 -15.74 37.62 2.82
N ILE A 440 -16.97 37.21 2.50
CA ILE A 440 -18.15 38.06 2.69
C ILE A 440 -18.81 37.57 3.97
N TYR A 441 -18.70 38.38 5.03
CA TYR A 441 -19.34 38.07 6.30
C TYR A 441 -20.69 38.76 6.37
N HIS A 442 -21.69 38.06 6.90
CA HIS A 442 -22.98 38.64 7.18
C HIS A 442 -23.53 38.01 8.46
N LYS A 443 -23.99 38.86 9.37
CA LYS A 443 -24.45 38.39 10.67
C LYS A 443 -25.92 37.98 10.60
N VAL A 444 -26.25 36.89 11.28
CA VAL A 444 -27.65 36.47 11.35
C VAL A 444 -28.43 37.52 12.09
N GLY A 445 -29.58 37.90 11.53
CA GLY A 445 -30.43 38.88 12.20
C GLY A 445 -30.10 40.32 11.92
N THR A 446 -29.26 40.60 10.92
CA THR A 446 -29.01 41.96 10.47
C THR A 446 -29.47 42.11 9.03
N GLU A 447 -29.75 43.35 8.64
CA GLU A 447 -30.18 43.60 7.27
C GLU A 447 -29.06 43.27 6.28
N VAL A 448 -29.46 42.93 5.06
CA VAL A 448 -28.49 42.62 4.01
C VAL A 448 -28.03 43.93 3.38
N THR A 449 -26.72 44.16 3.40
CA THR A 449 -26.15 45.41 2.92
C THR A 449 -25.06 45.12 1.89
N ASP A 450 -24.67 46.18 1.17
CA ASP A 450 -23.57 46.08 0.23
C ASP A 450 -22.27 45.75 0.97
N GLN A 451 -21.40 45.00 0.29
CA GLN A 451 -20.12 44.59 0.84
C GLN A 451 -18.99 45.04 -0.08
N THR A 452 -17.98 45.69 0.49
CA THR A 452 -16.81 46.17 -0.25
C THR A 452 -15.58 45.43 0.23
N LEU A 453 -14.83 44.86 -0.71
CA LEU A 453 -13.63 44.11 -0.41
C LEU A 453 -12.44 44.75 -1.10
N PRO A 454 -11.49 45.32 -0.37
CA PRO A 454 -10.28 45.86 -1.01
C PRO A 454 -9.37 44.73 -1.43
N PHE A 455 -8.86 44.85 -2.66
CA PHE A 455 -7.90 43.90 -3.21
C PHE A 455 -6.62 44.62 -3.57
N ILE A 456 -5.52 43.88 -3.58
CA ILE A 456 -4.23 44.39 -4.01
C ILE A 456 -4.05 43.92 -5.45
N PHE A 457 -4.42 44.77 -6.41
CA PHE A 457 -4.53 44.32 -7.79
C PHE A 457 -3.18 44.04 -8.43
N ASN A 458 -2.13 44.78 -8.03
CA ASN A 458 -0.77 44.55 -8.53
C ASN A 458 -0.73 44.57 -10.05
N ASP A 459 -1.40 45.55 -10.65
CA ASP A 459 -1.42 45.82 -12.08
C ASP A 459 -2.16 44.77 -12.90
N ASN A 460 -2.81 43.81 -12.25
CA ASN A 460 -3.69 42.91 -12.96
C ASN A 460 -5.08 43.52 -13.07
N THR A 461 -5.84 43.05 -14.05
CA THR A 461 -7.23 43.42 -14.24
C THR A 461 -8.12 42.23 -13.87
N LEU A 462 -9.34 42.53 -13.43
CA LEU A 462 -10.32 41.49 -13.18
C LEU A 462 -10.97 41.10 -14.49
N VAL A 463 -11.04 39.79 -14.75
CA VAL A 463 -11.64 39.27 -15.97
C VAL A 463 -13.06 38.77 -15.74
N SER A 464 -13.25 37.91 -14.74
CA SER A 464 -14.57 37.34 -14.46
C SER A 464 -14.60 36.85 -13.03
N ILE A 465 -15.82 36.54 -12.57
CA ILE A 465 -16.05 35.95 -11.25
C ILE A 465 -17.00 34.77 -11.40
N GLN A 466 -16.72 33.71 -10.64
CA GLN A 466 -17.46 32.46 -10.75
C GLN A 466 -17.78 31.95 -9.35
N ASP A 467 -19.05 31.60 -9.12
CA ASP A 467 -19.44 31.03 -7.84
C ASP A 467 -19.23 29.52 -7.85
N SER A 468 -19.37 28.90 -6.67
CA SER A 468 -19.21 27.46 -6.55
C SER A 468 -20.43 26.68 -6.99
N LYS A 469 -21.46 27.34 -7.55
CA LYS A 469 -22.59 26.65 -8.17
C LYS A 469 -22.56 26.73 -9.69
N GLY A 470 -21.50 27.28 -10.28
CA GLY A 470 -21.31 27.25 -11.72
C GLY A 470 -21.81 28.47 -12.47
N THR A 471 -22.56 29.35 -11.83
CA THR A 471 -23.06 30.55 -12.48
C THR A 471 -21.98 31.63 -12.51
N THR A 472 -21.78 32.23 -13.68
CA THR A 472 -20.89 33.36 -13.81
C THR A 472 -21.64 34.64 -13.47
N LEU A 473 -21.00 35.50 -12.68
CA LEU A 473 -21.64 36.74 -12.25
C LEU A 473 -21.57 37.78 -13.35
N LYS A 474 -22.59 38.63 -13.42
CA LYS A 474 -22.69 39.68 -14.42
C LYS A 474 -21.98 40.94 -13.95
N ALA A 475 -20.91 41.31 -14.64
CA ALA A 475 -20.11 42.45 -14.22
C ALA A 475 -20.92 43.74 -14.27
N ASP A 476 -20.67 44.62 -13.30
CA ASP A 476 -21.27 45.95 -13.19
C ASP A 476 -22.76 45.92 -12.95
N THR A 477 -23.32 44.73 -12.75
CA THR A 477 -24.67 44.55 -12.22
C THR A 477 -24.64 43.66 -10.99
N ASP A 478 -23.93 42.54 -11.08
CA ASP A 478 -23.76 41.58 -10.00
C ASP A 478 -22.60 41.91 -9.07
N TYR A 479 -21.68 42.76 -9.51
CA TYR A 479 -20.50 43.18 -8.77
C TYR A 479 -19.88 44.35 -9.52
N THR A 480 -19.26 45.26 -8.79
CA THR A 480 -18.65 46.43 -9.41
C THR A 480 -17.25 46.66 -8.87
N VAL A 481 -16.32 46.97 -9.78
CA VAL A 481 -14.94 47.27 -9.47
C VAL A 481 -14.74 48.79 -9.45
N SER A 482 -14.02 49.27 -8.44
CA SER A 482 -13.57 50.67 -8.40
C SER A 482 -12.19 50.68 -7.74
N GLY A 483 -11.15 50.73 -8.57
CA GLY A 483 -9.80 50.71 -8.06
C GLY A 483 -9.48 49.40 -7.36
N SER A 484 -9.02 49.51 -6.11
CA SER A 484 -8.76 48.32 -5.30
C SER A 484 -10.03 47.75 -4.70
N ASN A 485 -11.14 48.49 -4.74
CA ASN A 485 -12.40 48.02 -4.21
C ASN A 485 -13.12 47.14 -5.22
N ILE A 486 -13.70 46.06 -4.73
CA ILE A 486 -14.65 45.25 -5.51
C ILE A 486 -15.92 45.17 -4.68
N THR A 487 -16.97 45.84 -5.14
CA THR A 487 -18.18 46.07 -4.36
C THR A 487 -19.32 45.19 -4.85
N PHE A 488 -20.11 44.68 -3.90
CA PHE A 488 -21.13 43.68 -4.17
C PHE A 488 -22.51 44.21 -3.78
N PRO A 489 -23.48 44.23 -4.69
CA PRO A 489 -24.79 44.81 -4.36
C PRO A 489 -25.56 43.94 -3.38
N ALA A 490 -26.37 44.60 -2.54
CA ALA A 490 -27.16 43.88 -1.55
C ALA A 490 -28.16 42.95 -2.23
N SER A 491 -28.74 43.40 -3.35
CA SER A 491 -29.69 42.56 -4.08
C SER A 491 -29.05 41.27 -4.56
N PHE A 492 -27.79 41.35 -5.01
CA PHE A 492 -27.07 40.15 -5.42
C PHE A 492 -26.84 39.24 -4.23
N LEU A 493 -26.38 39.80 -3.11
CA LEU A 493 -26.01 38.99 -1.97
C LEU A 493 -27.23 38.38 -1.29
N SER A 494 -28.37 39.06 -1.39
CA SER A 494 -29.62 38.51 -0.89
C SER A 494 -30.00 37.22 -1.61
N THR A 495 -29.46 37.00 -2.81
CA THR A 495 -29.66 35.76 -3.54
C THR A 495 -28.77 34.64 -3.04
N TYR A 496 -28.26 34.78 -1.81
CA TYR A 496 -27.46 33.75 -1.16
C TYR A 496 -27.84 33.62 0.31
N TYR A 497 -28.14 34.75 0.97
CA TYR A 497 -28.48 34.75 2.38
C TYR A 497 -29.54 35.79 2.66
N SER A 498 -30.11 35.72 3.86
CA SER A 498 -31.17 36.62 4.28
C SER A 498 -30.97 36.93 5.75
N GLU A 499 -31.90 37.68 6.34
CA GLU A 499 -31.83 37.99 7.77
C GLU A 499 -32.14 36.77 8.63
N THR A 500 -32.82 35.76 8.08
CA THR A 500 -33.20 34.59 8.85
C THR A 500 -32.65 33.28 8.29
N SER A 501 -31.83 33.33 7.24
CA SER A 501 -31.29 32.11 6.66
C SER A 501 -30.30 31.44 7.60
N GLU A 502 -30.10 30.14 7.39
CA GLU A 502 -29.36 29.31 8.34
C GLU A 502 -27.90 29.75 8.38
N PRO A 503 -27.26 29.69 9.55
CA PRO A 503 -25.85 30.06 9.63
C PRO A 503 -24.92 28.92 9.25
N GLY A 504 -23.84 29.27 8.59
CA GLY A 504 -22.85 28.32 8.13
C GLY A 504 -22.13 28.87 6.91
N LEU A 505 -21.46 27.96 6.20
CA LEU A 505 -20.75 28.34 4.99
C LEU A 505 -21.69 28.28 3.79
N LEU A 506 -21.68 29.34 3.00
CA LEU A 506 -22.50 29.49 1.80
C LEU A 506 -21.62 29.20 0.60
N PRO A 507 -22.09 29.36 -0.64
CA PRO A 507 -21.18 29.24 -1.78
C PRO A 507 -20.04 30.25 -1.69
N ASN A 508 -18.97 29.99 -2.44
CA ASN A 508 -17.87 30.94 -2.52
C ASN A 508 -17.69 31.44 -3.95
N PHE A 509 -17.05 32.59 -4.05
CA PHE A 509 -16.81 33.26 -5.32
C PHE A 509 -15.34 33.08 -5.71
N THR A 510 -15.11 32.55 -6.90
CA THR A 510 -13.77 32.43 -7.46
C THR A 510 -13.57 33.54 -8.49
N LEU A 511 -12.56 34.37 -8.26
CA LEU A 511 -12.35 35.58 -9.04
C LEU A 511 -11.19 35.37 -10.00
N LYS A 512 -11.48 35.42 -11.30
CA LYS A 512 -10.47 35.15 -12.33
C LYS A 512 -9.88 36.47 -12.80
N PHE A 513 -8.56 36.62 -12.61
CA PHE A 513 -7.86 37.86 -12.92
C PHE A 513 -7.06 37.69 -14.20
N SER A 514 -6.47 38.80 -14.67
CA SER A 514 -5.70 38.78 -15.92
C SER A 514 -4.44 37.94 -15.80
N SER A 515 -3.97 37.67 -14.59
CA SER A 515 -2.76 36.90 -14.36
C SER A 515 -2.69 36.53 -12.88
N GLY A 516 -1.79 35.60 -12.57
CA GLY A 516 -1.63 35.12 -11.21
C GLY A 516 -2.75 34.19 -10.80
N ALA A 517 -2.69 33.76 -9.55
CA ALA A 517 -3.71 32.88 -8.99
C ALA A 517 -5.07 33.56 -8.98
N SER A 518 -6.12 32.76 -8.91
CA SER A 518 -7.49 33.25 -8.86
C SER A 518 -8.04 33.07 -7.46
N PRO A 519 -8.02 34.10 -6.62
CA PRO A 519 -8.41 33.93 -5.21
C PRO A 519 -9.91 33.67 -5.08
N VAL A 520 -10.27 33.03 -3.95
CA VAL A 520 -11.64 32.64 -3.67
C VAL A 520 -12.12 33.38 -2.42
N VAL A 521 -13.32 33.94 -2.49
CA VAL A 521 -13.99 34.61 -1.38
C VAL A 521 -15.09 33.72 -0.85
N GLN A 522 -15.12 33.50 0.46
CA GLN A 522 -16.06 32.58 1.08
C GLN A 522 -17.17 33.36 1.75
N LEU A 523 -18.42 33.10 1.33
CA LEU A 523 -19.57 33.68 1.99
C LEU A 523 -19.90 32.87 3.23
N VAL A 524 -19.98 33.53 4.37
CA VAL A 524 -20.26 32.88 5.65
C VAL A 524 -21.41 33.61 6.33
N GLN A 525 -22.48 32.87 6.62
CA GLN A 525 -23.56 33.37 7.46
C GLN A 525 -23.24 32.98 8.89
N TRP A 526 -23.00 33.97 9.75
CA TRP A 526 -22.42 33.69 11.06
C TRP A 526 -23.26 34.28 12.18
N ASP A 527 -23.16 33.62 13.33
CA ASP A 527 -23.77 34.03 14.58
C ASP A 527 -22.82 33.59 15.69
N THR A 528 -23.05 34.07 16.89
CA THR A 528 -22.18 33.70 18.01
C THR A 528 -22.47 32.26 18.42
N PRO A 529 -21.48 31.38 18.44
CA PRO A 529 -21.73 30.00 18.86
C PRO A 529 -22.08 29.92 20.33
N THR A 530 -22.76 28.83 20.70
CA THR A 530 -23.11 28.56 22.08
C THR A 530 -22.53 27.21 22.50
N LEU A 531 -22.16 27.12 23.79
CA LEU A 531 -21.52 25.94 24.34
C LEU A 531 -22.49 25.18 25.22
N SER A 532 -22.24 23.87 25.36
CA SER A 532 -23.10 23.03 26.20
C SER A 532 -22.84 23.25 27.69
N LYS A 533 -21.68 23.81 28.06
CA LYS A 533 -21.34 24.11 29.43
C LYS A 533 -20.79 25.53 29.52
N THR A 534 -21.10 26.22 30.63
CA THR A 534 -20.58 27.56 30.86
C THR A 534 -19.58 27.63 32.00
N SER A 535 -19.57 26.65 32.89
CA SER A 535 -18.60 26.61 33.97
C SER A 535 -18.32 25.16 34.34
N ALA A 536 -17.24 24.94 35.07
CA ALA A 536 -16.91 23.58 35.48
C ALA A 536 -15.85 23.64 36.56
N ALA A 537 -15.92 22.69 37.49
CA ALA A 537 -14.88 22.55 38.50
C ALA A 537 -13.65 21.90 37.86
N ALA A 538 -12.54 22.64 37.83
CA ALA A 538 -11.28 22.10 37.31
C ALA A 538 -11.00 20.73 37.90
N SER A 539 -11.24 20.58 39.20
CA SER A 539 -11.13 19.29 39.87
C SER A 539 -11.95 18.23 39.15
N SER A 540 -13.22 18.51 38.90
CA SER A 540 -14.12 17.50 38.35
C SER A 540 -13.74 17.12 36.93
N ILE A 541 -13.32 18.10 36.13
CA ILE A 541 -13.13 17.88 34.69
C ILE A 541 -11.73 17.36 34.43
N SER A 542 -10.96 17.16 35.49
CA SER A 542 -9.57 16.78 35.36
C SER A 542 -9.44 15.36 34.81
N GLY A 543 -8.21 14.94 34.57
CA GLY A 543 -7.93 13.69 33.89
C GLY A 543 -7.29 13.91 32.54
N SER A 544 -8.05 14.40 31.58
CA SER A 544 -7.56 14.57 30.22
C SER A 544 -7.92 15.97 29.72
N ASP A 545 -7.91 16.13 28.39
CA ASP A 545 -8.36 17.37 27.78
C ASP A 545 -9.85 17.56 28.02
N LEU A 546 -10.26 18.82 28.11
CA LEU A 546 -11.63 19.17 28.41
C LEU A 546 -12.34 19.51 27.09
N SER A 547 -13.25 18.64 26.67
CA SER A 547 -14.05 18.86 25.47
C SER A 547 -15.37 19.54 25.86
N ILE A 548 -15.63 20.71 25.29
CA ILE A 548 -16.89 21.42 25.48
C ILE A 548 -17.67 21.34 24.19
N PRO A 549 -18.78 20.60 24.13
CA PRO A 549 -19.59 20.57 22.91
C PRO A 549 -20.08 21.97 22.54
N ILE A 550 -20.04 22.27 21.25
CA ILE A 550 -20.30 23.61 20.75
C ILE A 550 -21.27 23.54 19.58
N THR A 551 -22.16 24.54 19.49
CA THR A 551 -22.98 24.76 18.32
C THR A 551 -22.26 25.79 17.46
N TRP A 552 -21.44 25.32 16.52
CA TRP A 552 -20.81 26.23 15.59
C TRP A 552 -21.88 27.02 14.83
N LYS A 553 -21.61 28.30 14.60
CA LYS A 553 -22.54 29.14 13.84
C LYS A 553 -21.71 29.98 12.87
N GLY A 554 -21.60 29.49 11.64
CA GLY A 554 -20.75 30.09 10.64
C GLY A 554 -19.52 29.25 10.39
N LEU A 555 -18.35 29.86 10.52
CA LEU A 555 -17.08 29.18 10.31
C LEU A 555 -16.83 28.22 11.48
N PRO A 556 -16.76 26.91 11.24
CA PRO A 556 -16.53 25.98 12.37
C PRO A 556 -15.08 25.93 12.80
N LYS A 557 -14.39 27.07 12.72
CA LYS A 557 -13.03 27.19 13.21
C LYS A 557 -13.03 28.02 14.49
N LEU A 558 -12.16 27.63 15.41
CA LEU A 558 -11.86 28.45 16.57
C LEU A 558 -10.69 29.36 16.21
N ALA A 559 -10.83 30.66 16.53
CA ALA A 559 -9.81 31.63 16.15
C ALA A 559 -8.68 31.71 17.18
N THR A 560 -9.05 31.85 18.46
CA THR A 560 -8.09 31.88 19.56
C THR A 560 -8.90 31.83 20.86
N VAL A 561 -8.20 31.79 21.99
CA VAL A 561 -8.83 31.77 23.29
C VAL A 561 -8.11 32.74 24.21
N LYS A 562 -8.88 33.61 24.87
CA LYS A 562 -8.37 34.45 25.94
C LYS A 562 -8.41 33.68 27.26
N ALA A 563 -7.43 33.96 28.12
CA ALA A 563 -7.32 33.26 29.40
C ALA A 563 -6.94 34.26 30.48
N LEU A 564 -7.88 34.53 31.40
CA LEU A 564 -7.69 35.49 32.48
C LEU A 564 -8.00 34.83 33.81
N LEU A 565 -7.10 35.01 34.78
CA LEU A 565 -7.41 34.65 36.16
C LEU A 565 -8.48 35.58 36.71
N ASN A 566 -9.02 35.23 37.87
CA ASN A 566 -10.06 36.07 38.46
C ASN A 566 -9.49 37.40 38.94
N ASN A 567 -8.27 37.40 39.46
CA ASN A 567 -7.68 38.65 39.93
C ASN A 567 -7.07 39.48 38.81
N GLY A 568 -7.19 39.06 37.55
CA GLY A 568 -6.76 39.86 36.42
C GLY A 568 -5.44 39.46 35.82
N THR A 569 -4.65 38.62 36.49
CA THR A 569 -3.40 38.16 35.92
C THR A 569 -3.67 37.20 34.76
N TYR A 570 -2.78 37.20 33.78
CA TYR A 570 -2.91 36.27 32.67
C TYR A 570 -2.61 34.86 33.16
N LEU A 571 -3.40 33.89 32.68
CA LEU A 571 -3.16 32.50 33.04
C LEU A 571 -1.76 32.05 32.65
N VAL A 572 -1.36 32.32 31.40
CA VAL A 572 -0.03 31.97 30.89
C VAL A 572 0.48 33.12 30.04
N ASP A 573 1.81 33.14 29.87
CA ASP A 573 2.47 34.10 28.98
C ASP A 573 2.07 35.54 29.30
N ASP A 574 2.68 36.10 30.35
CA ASP A 574 2.36 37.46 30.76
C ASP A 574 2.67 38.47 29.67
N PHE A 575 3.71 38.20 28.87
CA PHE A 575 4.22 39.10 27.85
C PHE A 575 3.24 39.37 26.71
N THR A 576 2.09 38.70 26.66
CA THR A 576 1.14 39.03 25.60
C THR A 576 0.45 40.37 25.82
N GLN A 577 0.69 41.02 26.96
CA GLN A 577 0.09 42.33 27.21
C GLN A 577 0.55 43.38 26.20
N TRP A 578 1.62 43.11 25.45
CA TRP A 578 2.09 44.00 24.40
C TRP A 578 1.58 43.59 23.02
N PHE A 579 0.56 42.73 22.95
CA PHE A 579 0.11 42.17 21.68
C PHE A 579 -1.21 42.77 21.21
N GLY A 580 -1.65 43.88 21.78
CA GLY A 580 -2.77 44.62 21.25
C GLY A 580 -4.14 44.08 21.64
N PRO A 581 -5.20 44.67 21.06
CA PRO A 581 -6.57 44.33 21.52
C PRO A 581 -6.93 42.88 21.32
N PHE A 582 -6.29 42.19 20.36
CA PHE A 582 -6.61 40.80 20.04
C PHE A 582 -5.55 39.82 20.53
N GLY A 583 -4.55 40.29 21.26
CA GLY A 583 -3.46 39.44 21.68
C GLY A 583 -3.32 39.30 23.17
N GLU A 584 -3.75 40.30 23.92
CA GLU A 584 -3.59 40.30 25.37
C GLU A 584 -4.30 39.11 26.00
N ALA A 585 -3.56 38.36 26.83
CA ALA A 585 -4.08 37.22 27.59
C ALA A 585 -4.55 36.08 26.69
N ARG A 586 -4.16 36.09 25.43
CA ARG A 586 -4.53 35.00 24.53
C ARG A 586 -3.51 33.86 24.60
N THR A 587 -3.97 32.67 24.25
CA THR A 587 -3.19 31.44 24.35
C THR A 587 -2.95 30.87 22.95
N THR A 588 -2.32 29.70 22.90
CA THR A 588 -1.71 29.19 21.67
C THR A 588 -2.40 27.90 21.22
N TYR A 589 -2.55 27.77 19.89
CA TYR A 589 -3.15 26.59 19.29
C TYR A 589 -2.41 25.32 19.72
N SER A 590 -3.18 24.24 19.90
CA SER A 590 -2.67 22.90 20.22
C SER A 590 -2.12 22.79 21.63
N ASN A 591 -1.21 23.69 22.01
CA ASN A 591 -0.66 23.67 23.36
C ASN A 591 -1.75 23.85 24.40
N GLN A 592 -2.57 24.90 24.27
CA GLN A 592 -3.58 25.25 25.25
C GLN A 592 -5.01 25.02 24.79
N TRP A 593 -5.32 25.32 23.53
CA TRP A 593 -6.67 25.16 23.02
C TRP A 593 -6.63 24.40 21.70
N ASN A 594 -7.78 23.84 21.34
CA ASN A 594 -7.93 23.05 20.13
C ASN A 594 -9.42 22.95 19.84
N TRP A 595 -9.77 22.23 18.77
CA TRP A 595 -11.18 22.07 18.44
C TRP A 595 -11.36 20.90 17.49
N ASP A 596 -12.58 20.38 17.44
CA ASP A 596 -12.96 19.37 16.46
C ASP A 596 -14.34 19.73 15.92
N ASP A 597 -15.05 18.73 15.41
CA ASP A 597 -16.35 18.97 14.79
C ASP A 597 -17.40 19.39 15.83
N LYS A 598 -17.40 18.75 16.98
CA LYS A 598 -18.49 18.88 17.93
C LYS A 598 -18.11 19.57 19.22
N ASN A 599 -16.84 19.92 19.42
CA ASN A 599 -16.39 20.47 20.68
C ASN A 599 -15.44 21.63 20.43
N VAL A 600 -15.23 22.41 21.48
CA VAL A 600 -14.03 23.23 21.63
C VAL A 600 -13.20 22.58 22.73
N ILE A 601 -11.88 22.60 22.56
CA ILE A 601 -10.99 21.79 23.37
C ILE A 601 -10.08 22.69 24.17
N LEU A 602 -10.05 22.48 25.49
CA LEU A 602 -8.98 22.97 26.34
C LEU A 602 -8.09 21.79 26.67
N THR A 603 -6.80 21.91 26.38
CA THR A 603 -5.90 20.81 26.65
C THR A 603 -5.77 20.59 28.16
N GLN A 604 -5.48 19.34 28.54
CA GLN A 604 -5.32 19.00 29.95
C GLN A 604 -4.29 19.91 30.62
N ALA A 605 -3.24 20.29 29.89
CA ALA A 605 -2.22 21.17 30.46
C ALA A 605 -2.79 22.53 30.84
N THR A 606 -3.77 23.04 30.08
CA THR A 606 -4.41 24.29 30.45
C THR A 606 -5.11 24.16 31.80
N VAL A 607 -5.84 23.06 31.99
CA VAL A 607 -6.60 22.88 33.22
C VAL A 607 -5.67 22.85 34.43
N GLU A 608 -4.54 22.14 34.32
CA GLU A 608 -3.62 22.10 35.45
C GLU A 608 -2.91 23.43 35.66
N ALA A 609 -2.92 24.32 34.66
CA ALA A 609 -2.52 25.70 34.91
C ALA A 609 -3.59 26.47 35.66
N VAL A 610 -4.86 26.09 35.48
CA VAL A 610 -5.94 26.68 36.26
C VAL A 610 -5.95 26.12 37.67
N VAL A 611 -5.83 24.79 37.79
CA VAL A 611 -5.70 24.16 39.10
C VAL A 611 -4.52 24.74 39.85
N ALA A 612 -3.39 24.96 39.16
CA ALA A 612 -2.21 25.48 39.82
C ALA A 612 -2.37 26.94 40.20
N ALA A 613 -2.96 27.74 39.31
CA ALA A 613 -3.16 29.15 39.63
C ALA A 613 -4.00 29.31 40.91
N GLY A 614 -5.02 28.47 41.08
CA GLY A 614 -5.80 28.43 42.30
C GLY A 614 -6.94 29.43 42.38
N GLN A 615 -7.29 30.09 41.29
CA GLN A 615 -8.42 31.00 41.26
C GLN A 615 -9.20 30.79 39.97
N ASP A 616 -10.50 31.01 40.04
CA ASP A 616 -11.38 30.82 38.89
C ASP A 616 -10.84 31.59 37.68
N THR A 617 -10.87 30.93 36.52
CA THR A 617 -10.29 31.46 35.29
C THR A 617 -11.37 31.53 34.21
N VAL A 618 -11.48 32.68 33.56
CA VAL A 618 -12.42 32.87 32.46
C VAL A 618 -11.69 32.61 31.15
N PHE A 619 -12.17 31.63 30.39
CA PHE A 619 -11.69 31.37 29.05
C PHE A 619 -12.70 31.95 28.06
N THR A 620 -12.22 32.82 27.18
CA THR A 620 -13.07 33.41 26.15
C THR A 620 -12.73 32.78 24.81
N PHE A 621 -13.66 31.97 24.30
CA PHE A 621 -13.50 31.38 22.98
C PHE A 621 -13.85 32.42 21.91
N GLU A 622 -12.95 32.64 20.97
CA GLU A 622 -13.11 33.65 19.94
C GLU A 622 -13.16 33.02 18.56
N PHE A 623 -13.91 33.64 17.66
CA PHE A 623 -14.22 33.05 16.37
C PHE A 623 -14.13 34.12 15.28
N PHE A 624 -14.14 33.66 14.03
CA PHE A 624 -14.15 34.58 12.91
C PHE A 624 -15.60 34.87 12.49
N PRO A 625 -15.91 36.11 12.09
CA PRO A 625 -15.00 37.27 11.99
C PRO A 625 -14.67 37.84 13.36
N ARG A 626 -13.44 38.33 13.54
CA ARG A 626 -13.08 39.09 14.74
C ARG A 626 -13.47 40.55 14.52
N VAL A 627 -14.79 40.78 14.52
CA VAL A 627 -15.29 42.14 14.35
C VAL A 627 -14.94 43.00 15.55
N ASP A 628 -14.83 42.40 16.73
CA ASP A 628 -14.35 43.08 17.93
C ASP A 628 -13.88 42.02 18.91
N THR A 629 -13.52 42.44 20.12
CA THR A 629 -12.98 41.52 21.10
C THR A 629 -14.07 40.85 21.94
N THR A 630 -15.36 41.11 21.67
CA THR A 630 -16.42 40.64 22.55
C THR A 630 -17.65 40.09 21.83
N THR A 631 -18.04 40.59 20.66
CA THR A 631 -19.30 40.16 20.05
C THR A 631 -19.30 38.68 19.74
N ASN A 632 -18.41 38.25 18.84
CA ASN A 632 -18.39 36.87 18.34
C ASN A 632 -17.53 35.98 19.24
N THR A 633 -17.93 35.92 20.51
CA THR A 633 -17.21 35.15 21.52
C THR A 633 -18.20 34.47 22.44
N VAL A 634 -17.70 33.45 23.16
CA VAL A 634 -18.46 32.75 24.18
C VAL A 634 -17.52 32.42 25.34
N ASN A 635 -18.03 32.56 26.56
CA ASN A 635 -17.24 32.43 27.77
C ASN A 635 -17.41 31.05 28.41
N PHE A 636 -16.30 30.45 28.82
CA PHE A 636 -16.28 29.27 29.67
C PHE A 636 -15.37 29.55 30.86
N THR A 637 -15.83 29.21 32.04
CA THR A 637 -15.11 29.48 33.29
C THR A 637 -14.78 28.17 33.99
N LEU A 638 -13.55 28.06 34.46
CA LEU A 638 -13.10 26.89 35.20
C LEU A 638 -13.00 27.26 36.68
N THR A 639 -13.88 26.67 37.49
CA THR A 639 -13.86 26.96 38.92
C THR A 639 -12.82 26.08 39.61
N VAL A 640 -12.44 26.49 40.81
CA VAL A 640 -11.34 25.82 41.51
C VAL A 640 -11.61 25.69 43.00
N ALA B 92 -23.89 1.04 12.31
CA ALA B 92 -23.75 1.01 10.86
C ALA B 92 -25.05 1.44 10.20
N ASN B 93 -25.04 2.63 9.62
CA ASN B 93 -26.17 3.17 8.86
C ASN B 93 -25.73 3.36 7.42
N CYS B 94 -26.54 2.89 6.48
CA CYS B 94 -26.24 2.99 5.06
C CYS B 94 -27.17 4.00 4.40
N THR B 95 -26.57 4.93 3.64
CA THR B 95 -27.30 6.01 2.99
C THR B 95 -27.77 5.65 1.60
N GLY B 96 -27.00 4.85 0.87
CA GLY B 96 -27.27 4.57 -0.53
C GLY B 96 -28.40 3.60 -0.76
N SER B 97 -28.28 2.83 -1.84
CA SER B 97 -29.26 1.82 -2.21
C SER B 97 -28.52 0.50 -2.47
N PHE B 98 -29.29 -0.56 -2.59
CA PHE B 98 -28.72 -1.91 -2.66
C PHE B 98 -29.56 -2.75 -3.61
N ASP B 99 -28.93 -3.22 -4.69
CA ASP B 99 -29.63 -4.07 -5.65
C ASP B 99 -29.44 -5.52 -5.24
N ALA B 100 -30.45 -6.07 -4.57
CA ALA B 100 -30.39 -7.45 -4.12
C ALA B 100 -30.13 -8.38 -5.31
N ILE B 101 -29.28 -9.37 -5.09
CA ILE B 101 -28.90 -10.34 -6.10
C ILE B 101 -29.07 -11.73 -5.52
N SER B 102 -29.56 -12.65 -6.33
CA SER B 102 -29.69 -14.03 -5.88
C SER B 102 -28.32 -14.70 -5.86
N ALA B 103 -28.18 -15.66 -4.95
CA ALA B 103 -26.94 -16.45 -4.91
C ALA B 103 -26.65 -17.09 -6.25
N SER B 104 -27.68 -17.66 -6.88
CA SER B 104 -27.57 -18.19 -8.23
C SER B 104 -26.96 -17.15 -9.18
N ASP B 105 -27.57 -15.97 -9.24
CA ASP B 105 -27.05 -14.93 -10.12
C ASP B 105 -25.64 -14.53 -9.74
N PHE B 106 -25.37 -14.37 -8.45
CA PHE B 106 -24.03 -14.00 -8.00
C PHE B 106 -23.00 -15.02 -8.42
N VAL B 107 -23.24 -16.30 -8.12
CA VAL B 107 -22.30 -17.36 -8.48
C VAL B 107 -22.10 -17.42 -9.99
N ALA B 108 -23.21 -17.36 -10.74
CA ALA B 108 -23.11 -17.37 -12.21
C ALA B 108 -22.26 -16.22 -12.72
N ASN B 109 -22.23 -15.09 -12.00
CA ASN B 109 -21.58 -13.88 -12.48
C ASN B 109 -20.15 -13.71 -11.96
N ILE B 110 -19.73 -14.48 -10.96
CA ILE B 110 -18.33 -14.42 -10.54
C ILE B 110 -17.44 -15.33 -11.37
N ASN B 111 -18.03 -16.15 -12.24
CA ASN B 111 -17.29 -17.14 -13.00
C ASN B 111 -16.56 -16.47 -14.16
N PRO B 112 -15.21 -16.50 -14.20
CA PRO B 112 -14.27 -17.13 -13.25
C PRO B 112 -13.58 -16.14 -12.33
N GLY B 113 -13.02 -16.61 -11.20
CA GLY B 113 -12.39 -15.75 -10.23
C GLY B 113 -10.90 -16.02 -10.06
N TRP B 114 -10.26 -15.11 -9.31
CA TRP B 114 -8.82 -15.12 -9.06
C TRP B 114 -8.58 -14.67 -7.62
N ASN B 115 -7.57 -15.26 -6.98
CA ASN B 115 -7.27 -14.99 -5.58
C ASN B 115 -6.09 -14.03 -5.45
N LEU B 116 -6.25 -13.04 -4.58
CA LEU B 116 -5.15 -12.16 -4.18
C LEU B 116 -4.43 -12.84 -3.03
N GLY B 117 -3.64 -13.87 -3.38
CA GLY B 117 -3.09 -14.75 -2.37
C GLY B 117 -1.83 -14.20 -1.72
N ASN B 118 -1.62 -14.60 -0.47
CA ASN B 118 -0.43 -14.25 0.31
C ASN B 118 -0.25 -12.74 0.44
N SER B 119 -1.35 -11.99 0.44
CA SER B 119 -1.29 -10.55 0.60
C SER B 119 -2.01 -10.21 1.92
N LEU B 120 -3.27 -9.84 1.88
CA LEU B 120 -4.02 -9.58 3.11
C LEU B 120 -4.19 -10.83 3.95
N ASP B 121 -3.90 -12.01 3.39
CA ASP B 121 -3.87 -13.26 4.15
C ASP B 121 -2.50 -13.54 4.75
N ALA B 122 -1.47 -12.79 4.37
CA ALA B 122 -0.13 -13.02 4.88
C ALA B 122 -0.05 -12.66 6.37
N THR B 123 1.02 -13.11 7.03
CA THR B 123 1.19 -12.84 8.44
C THR B 123 2.57 -12.28 8.73
N PRO B 124 2.68 -11.27 9.58
CA PRO B 124 1.56 -10.60 10.27
C PRO B 124 0.96 -9.49 9.43
N ASN B 125 1.75 -8.91 8.54
CA ASN B 125 1.32 -7.77 7.73
C ASN B 125 1.15 -8.23 6.28
N GLU B 126 0.51 -7.38 5.48
CA GLU B 126 0.14 -7.78 4.13
C GLU B 126 1.35 -7.99 3.23
N ASP B 127 2.54 -7.48 3.60
CA ASP B 127 3.74 -7.67 2.81
C ASP B 127 4.79 -8.50 3.55
N SER B 128 4.38 -9.26 4.56
CA SER B 128 5.31 -10.05 5.35
C SER B 128 5.67 -11.38 4.71
N TRP B 129 4.94 -11.80 3.68
CA TRP B 129 5.34 -12.97 2.91
C TRP B 129 5.93 -12.52 1.58
N ASN B 130 5.58 -13.20 0.49
CA ASN B 130 6.25 -12.96 -0.78
C ASN B 130 5.64 -11.81 -1.58
N ASN B 131 4.57 -11.19 -1.08
CA ASN B 131 3.97 -10.17 -1.91
C ASN B 131 4.25 -8.78 -1.37
N PRO B 132 4.53 -7.81 -2.23
CA PRO B 132 4.66 -6.42 -1.75
C PRO B 132 3.31 -5.84 -1.36
N THR B 133 3.29 -4.58 -0.93
CA THR B 133 2.02 -3.92 -0.62
C THR B 133 1.13 -3.88 -1.87
N VAL B 134 -0.15 -4.21 -1.66
CA VAL B 134 -1.07 -4.37 -2.78
C VAL B 134 -1.25 -3.05 -3.51
N GLN B 135 -1.14 -3.09 -4.82
CA GLN B 135 -1.41 -1.95 -5.69
C GLN B 135 -2.61 -2.25 -6.59
N GLU B 136 -3.37 -1.21 -6.90
CA GLU B 136 -4.63 -1.38 -7.62
C GLU B 136 -4.41 -1.87 -9.05
N SER B 137 -3.25 -1.55 -9.63
CA SER B 137 -2.92 -2.06 -10.97
C SER B 137 -3.09 -3.56 -11.06
N THR B 138 -2.82 -4.28 -9.97
CA THR B 138 -2.97 -5.73 -9.94
C THR B 138 -4.36 -6.16 -10.39
N PHE B 139 -5.40 -5.41 -10.00
CA PHE B 139 -6.76 -5.75 -10.39
C PHE B 139 -7.10 -5.31 -11.81
N ASP B 140 -6.43 -4.27 -12.32
CA ASP B 140 -6.53 -3.97 -13.75
C ASP B 140 -6.07 -5.16 -14.58
N TYR B 141 -4.92 -5.72 -14.23
CA TYR B 141 -4.44 -6.93 -14.89
C TYR B 141 -5.47 -8.05 -14.82
N VAL B 142 -5.97 -8.33 -13.60
CA VAL B 142 -6.93 -9.41 -13.40
C VAL B 142 -8.14 -9.23 -14.31
N LYS B 143 -8.65 -8.00 -14.40
CA LYS B 143 -9.79 -7.74 -15.27
C LYS B 143 -9.41 -7.90 -16.73
N ALA B 144 -8.19 -7.48 -17.11
CA ALA B 144 -7.75 -7.64 -18.48
C ALA B 144 -7.63 -9.11 -18.87
N ALA B 145 -7.34 -9.98 -17.91
CA ALA B 145 -7.16 -11.39 -18.19
C ALA B 145 -8.49 -12.13 -18.39
N GLY B 146 -9.62 -11.48 -18.12
CA GLY B 146 -10.91 -12.09 -18.33
C GLY B 146 -11.63 -12.59 -17.09
N PHE B 147 -11.11 -12.30 -15.89
CA PHE B 147 -11.78 -12.73 -14.68
C PHE B 147 -12.97 -11.82 -14.37
N LYS B 148 -13.97 -12.40 -13.70
CA LYS B 148 -15.16 -11.64 -13.32
C LYS B 148 -15.21 -11.33 -11.83
N SER B 149 -14.37 -11.96 -11.02
CA SER B 149 -14.39 -11.76 -9.59
C SER B 149 -13.00 -11.95 -9.01
N VAL B 150 -12.79 -11.37 -7.83
CA VAL B 150 -11.56 -11.51 -7.06
C VAL B 150 -11.94 -12.04 -5.69
N ARG B 151 -11.33 -13.16 -5.29
CA ARG B 151 -11.46 -13.63 -3.92
C ARG B 151 -10.37 -13.01 -3.07
N LEU B 152 -10.76 -12.47 -1.91
CA LEU B 152 -9.87 -11.69 -1.06
C LEU B 152 -9.63 -12.43 0.25
N PRO B 153 -8.57 -13.23 0.35
CA PRO B 153 -8.24 -13.86 1.63
C PRO B 153 -7.67 -12.83 2.60
N VAL B 154 -8.21 -12.81 3.81
CA VAL B 154 -7.80 -11.88 4.86
C VAL B 154 -7.58 -12.64 6.15
N THR B 155 -6.39 -12.50 6.73
CA THR B 155 -6.05 -13.13 8.00
C THR B 155 -6.11 -12.08 9.10
N TRP B 156 -7.07 -12.25 10.02
CA TRP B 156 -7.32 -11.30 11.09
C TRP B 156 -6.46 -11.56 12.32
N THR B 157 -5.77 -12.69 12.37
CA THR B 157 -5.09 -13.15 13.57
C THR B 157 -4.22 -12.06 14.19
N HIS B 158 -3.43 -11.36 13.37
CA HIS B 158 -2.40 -10.45 13.84
C HIS B 158 -2.81 -8.99 13.74
N HIS B 159 -4.11 -8.70 13.82
CA HIS B 159 -4.60 -7.34 13.73
C HIS B 159 -5.61 -7.01 14.82
N PHE B 160 -5.56 -7.74 15.94
CA PHE B 160 -6.37 -7.47 17.11
C PHE B 160 -5.62 -6.52 18.05
N THR B 161 -6.29 -5.46 18.47
CA THR B 161 -5.70 -4.49 19.39
C THR B 161 -6.07 -4.74 20.84
N SER B 162 -7.04 -5.61 21.11
CA SER B 162 -7.43 -5.94 22.47
C SER B 162 -7.77 -7.41 22.53
N GLU B 163 -7.71 -7.98 23.74
CA GLU B 163 -8.04 -9.39 23.88
C GLU B 163 -9.49 -9.56 24.31
N SER B 164 -9.77 -10.62 25.07
CA SER B 164 -11.10 -10.84 25.60
C SER B 164 -11.52 -9.65 26.47
N PRO B 165 -12.85 -9.35 26.56
CA PRO B 165 -13.99 -9.94 25.80
C PRO B 165 -14.37 -9.22 24.52
N ASP B 166 -13.83 -8.04 24.21
CA ASP B 166 -14.26 -7.33 23.01
C ASP B 166 -13.56 -7.83 21.77
N TRP B 167 -12.30 -8.23 21.89
CA TRP B 167 -11.45 -8.56 20.76
C TRP B 167 -11.55 -7.48 19.69
N THR B 168 -11.30 -6.24 20.10
CA THR B 168 -11.34 -5.13 19.16
C THR B 168 -10.32 -5.37 18.06
N VAL B 169 -10.77 -5.32 16.82
CA VAL B 169 -9.83 -5.34 15.72
C VAL B 169 -9.35 -3.92 15.46
N ASP B 170 -8.12 -3.82 14.98
CA ASP B 170 -7.55 -2.52 14.63
C ASP B 170 -8.40 -1.84 13.56
N PRO B 171 -8.96 -0.67 13.82
CA PRO B 171 -9.75 0.00 12.77
C PRO B 171 -8.94 0.36 11.54
N LYS B 172 -7.62 0.44 11.65
CA LYS B 172 -6.80 0.74 10.48
C LYS B 172 -6.72 -0.46 9.54
N TRP B 173 -6.71 -1.68 10.09
CA TRP B 173 -6.76 -2.87 9.26
C TRP B 173 -8.12 -2.99 8.56
N LEU B 174 -9.20 -2.68 9.29
CA LEU B 174 -10.54 -2.68 8.70
C LEU B 174 -10.64 -1.71 7.54
N GLN B 175 -9.95 -0.56 7.62
CA GLN B 175 -9.97 0.39 6.53
C GLN B 175 -9.21 -0.15 5.32
N ARG B 176 -8.08 -0.81 5.57
CA ARG B 176 -7.31 -1.39 4.47
C ARG B 176 -8.11 -2.42 3.70
N VAL B 177 -8.84 -3.29 4.42
CA VAL B 177 -9.70 -4.27 3.76
C VAL B 177 -10.75 -3.56 2.91
N SER B 178 -11.44 -2.58 3.51
CA SER B 178 -12.47 -1.84 2.80
C SER B 178 -11.91 -1.19 1.54
N ASP B 179 -10.75 -0.56 1.65
CA ASP B 179 -10.13 0.09 0.49
C ASP B 179 -9.89 -0.91 -0.63
N VAL B 180 -9.25 -2.04 -0.28
CA VAL B 180 -8.93 -3.06 -1.27
C VAL B 180 -10.21 -3.55 -1.93
N ILE B 181 -11.23 -3.83 -1.13
CA ILE B 181 -12.53 -4.18 -1.70
C ILE B 181 -12.97 -3.12 -2.70
N ASP B 182 -12.86 -1.83 -2.35
CA ASP B 182 -13.30 -0.78 -3.27
C ASP B 182 -12.45 -0.76 -4.53
N MET B 183 -11.14 -0.98 -4.40
CA MET B 183 -10.29 -1.19 -5.57
C MET B 183 -10.91 -2.25 -6.49
N ILE B 184 -11.35 -3.35 -5.89
CA ILE B 184 -11.87 -4.47 -6.67
C ILE B 184 -13.21 -4.11 -7.30
N THR B 185 -14.17 -3.66 -6.48
CA THR B 185 -15.50 -3.40 -7.01
C THR B 185 -15.49 -2.29 -8.05
N SER B 186 -14.58 -1.31 -7.89
CA SER B 186 -14.54 -0.17 -8.79
C SER B 186 -14.11 -0.57 -10.21
N ARG B 187 -13.37 -1.67 -10.35
CA ARG B 187 -13.11 -2.23 -11.66
C ARG B 187 -14.22 -3.16 -12.12
N GLY B 188 -15.36 -3.14 -11.44
CA GLY B 188 -16.48 -3.96 -11.85
C GLY B 188 -16.35 -5.43 -11.53
N LEU B 189 -15.41 -5.82 -10.67
CA LEU B 189 -15.20 -7.21 -10.29
C LEU B 189 -15.93 -7.52 -8.99
N TYR B 190 -16.57 -8.68 -8.94
CA TYR B 190 -17.16 -9.17 -7.71
C TYR B 190 -16.05 -9.48 -6.70
N THR B 191 -16.46 -9.60 -5.43
CA THR B 191 -15.51 -9.80 -4.34
C THR B 191 -16.08 -10.73 -3.30
N ILE B 192 -15.27 -11.68 -2.84
CA ILE B 192 -15.57 -12.48 -1.66
C ILE B 192 -14.42 -12.27 -0.68
N VAL B 193 -14.75 -11.84 0.54
CA VAL B 193 -13.78 -11.63 1.62
C VAL B 193 -14.18 -12.52 2.78
N ASN B 194 -13.19 -13.02 3.52
CA ASN B 194 -13.42 -14.08 4.48
C ASN B 194 -12.59 -13.86 5.74
N VAL B 195 -12.60 -14.87 6.60
CA VAL B 195 -11.68 -15.03 7.72
C VAL B 195 -10.82 -16.25 7.41
N HIS B 196 -9.53 -16.02 7.21
CA HIS B 196 -8.69 -16.99 6.50
C HIS B 196 -7.87 -17.87 7.42
N HIS B 197 -6.58 -17.55 7.57
CA HIS B 197 -5.69 -18.39 8.37
C HIS B 197 -6.01 -18.33 9.85
N ASP B 198 -6.96 -17.48 10.26
CA ASP B 198 -7.50 -17.57 11.62
C ASP B 198 -8.05 -18.96 11.90
N SER B 199 -8.45 -19.68 10.84
CA SER B 199 -9.14 -20.96 11.00
C SER B 199 -8.28 -21.98 11.74
N TRP B 200 -6.96 -21.94 11.57
CA TRP B 200 -6.08 -22.86 12.28
C TRP B 200 -5.19 -22.17 13.29
N GLU B 201 -5.03 -20.85 13.20
CA GLU B 201 -4.22 -20.14 14.18
C GLU B 201 -4.93 -20.04 15.52
N TRP B 202 -6.26 -19.91 15.52
CA TRP B 202 -6.97 -19.87 16.79
C TRP B 202 -8.36 -20.49 16.73
N ALA B 203 -8.92 -20.62 15.53
CA ALA B 203 -10.25 -21.18 15.38
C ALA B 203 -10.23 -22.68 15.09
N ASP B 204 -9.09 -23.34 15.31
CA ASP B 204 -8.99 -24.78 15.12
C ASP B 204 -9.72 -25.50 16.24
N VAL B 205 -10.86 -26.13 15.91
CA VAL B 205 -11.66 -26.83 16.91
C VAL B 205 -11.19 -28.27 17.15
N THR B 206 -10.32 -28.80 16.29
CA THR B 206 -9.84 -30.16 16.46
C THR B 206 -8.67 -30.27 17.42
N LYS B 207 -8.12 -29.14 17.86
CA LYS B 207 -6.99 -29.21 18.77
C LYS B 207 -7.45 -29.62 20.17
N SER B 208 -6.59 -30.40 20.84
CA SER B 208 -6.96 -31.00 22.11
C SER B 208 -7.30 -29.96 23.17
N ASP B 209 -6.64 -28.81 23.14
CA ASP B 209 -6.82 -27.78 24.16
C ASP B 209 -7.69 -26.62 23.67
N ALA B 210 -8.42 -26.80 22.57
CA ALA B 210 -9.27 -25.75 22.05
C ALA B 210 -10.32 -25.36 23.08
N ASN B 211 -10.47 -24.06 23.29
CA ASN B 211 -11.51 -23.51 24.15
C ASN B 211 -12.65 -23.08 23.23
N ILE B 212 -13.67 -23.93 23.11
CA ILE B 212 -14.74 -23.69 22.16
C ILE B 212 -15.53 -22.45 22.54
N THR B 213 -15.75 -22.22 23.84
CA THR B 213 -16.48 -21.03 24.28
C THR B 213 -15.75 -19.76 23.88
N GLN B 214 -14.42 -19.76 23.93
CA GLN B 214 -13.67 -18.58 23.53
C GLN B 214 -13.62 -18.43 22.01
N ILE B 215 -13.55 -19.55 21.29
CA ILE B 215 -13.52 -19.51 19.83
C ILE B 215 -14.83 -18.96 19.28
N GLU B 216 -15.95 -19.54 19.73
CA GLU B 216 -17.25 -19.06 19.28
C GLU B 216 -17.46 -17.59 19.62
N GLN B 217 -16.99 -17.18 20.79
CA GLN B 217 -17.12 -15.78 21.20
C GLN B 217 -16.23 -14.88 20.35
N LYS B 218 -14.95 -15.24 20.22
CA LYS B 218 -14.03 -14.42 19.43
C LYS B 218 -14.45 -14.36 17.96
N PHE B 219 -14.91 -15.49 17.42
CA PHE B 219 -15.37 -15.52 16.03
C PHE B 219 -16.55 -14.56 15.84
N GLU B 220 -17.46 -14.48 16.82
CA GLU B 220 -18.62 -13.62 16.65
C GLU B 220 -18.26 -12.15 16.78
N LYS B 221 -17.39 -11.79 17.73
CA LYS B 221 -16.95 -10.40 17.81
C LYS B 221 -16.24 -9.98 16.54
N LEU B 222 -15.47 -10.91 15.96
CA LEU B 222 -14.76 -10.65 14.72
C LEU B 222 -15.76 -10.38 13.57
N TRP B 223 -16.76 -11.26 13.39
CA TRP B 223 -17.67 -11.09 12.27
C TRP B 223 -18.67 -9.95 12.49
N TYR B 224 -18.95 -9.59 13.74
CA TYR B 224 -19.70 -8.36 13.99
C TYR B 224 -18.88 -7.14 13.57
N GLN B 225 -17.60 -7.12 13.90
CA GLN B 225 -16.76 -6.00 13.50
C GLN B 225 -16.58 -5.93 11.99
N ILE B 226 -16.38 -7.08 11.35
CA ILE B 226 -16.27 -7.08 9.91
C ILE B 226 -17.60 -6.68 9.29
N GLY B 227 -18.69 -7.28 9.78
CA GLY B 227 -20.01 -6.92 9.29
C GLY B 227 -20.34 -5.46 9.50
N THR B 228 -19.87 -4.86 10.60
CA THR B 228 -20.13 -3.45 10.86
C THR B 228 -19.39 -2.56 9.86
N LYS B 229 -18.08 -2.79 9.70
CA LYS B 229 -17.29 -1.96 8.79
C LYS B 229 -17.71 -2.13 7.34
N LEU B 230 -18.14 -3.34 6.94
CA LEU B 230 -18.45 -3.64 5.56
C LEU B 230 -19.95 -3.57 5.26
N ALA B 231 -20.75 -3.06 6.18
CA ALA B 231 -22.20 -3.24 6.10
C ALA B 231 -22.82 -2.59 4.88
N CYS B 232 -22.24 -1.49 4.39
CA CYS B 232 -22.86 -0.70 3.35
C CYS B 232 -22.33 -1.00 1.96
N LYS B 233 -21.61 -2.12 1.80
CA LYS B 233 -21.08 -2.49 0.49
C LYS B 233 -22.18 -2.99 -0.43
N SER B 234 -21.95 -2.84 -1.73
CA SER B 234 -22.94 -3.24 -2.73
C SER B 234 -23.09 -4.77 -2.73
N SER B 235 -24.04 -5.24 -3.54
CA SER B 235 -24.30 -6.67 -3.62
C SER B 235 -23.16 -7.44 -4.27
N MET B 236 -22.26 -6.76 -4.99
CA MET B 236 -21.11 -7.44 -5.57
C MET B 236 -20.15 -7.99 -4.53
N VAL B 237 -20.25 -7.55 -3.27
CA VAL B 237 -19.37 -8.00 -2.20
C VAL B 237 -20.08 -9.09 -1.41
N ALA B 238 -19.38 -10.21 -1.20
CA ALA B 238 -19.91 -11.36 -0.48
C ALA B 238 -19.04 -11.66 0.74
N PHE B 239 -19.59 -12.45 1.65
CA PHE B 239 -18.90 -12.86 2.86
C PHE B 239 -18.72 -14.36 2.88
N GLU B 240 -17.55 -14.81 3.32
CA GLU B 240 -17.24 -16.23 3.45
C GLU B 240 -16.86 -16.50 4.89
N THR B 241 -17.59 -17.45 5.50
CA THR B 241 -17.51 -17.74 6.93
C THR B 241 -16.08 -17.83 7.47
N ILE B 242 -15.36 -18.87 7.06
CA ILE B 242 -14.02 -19.15 7.55
C ILE B 242 -13.36 -20.10 6.56
N ASN B 243 -12.06 -19.93 6.37
CA ASN B 243 -11.34 -20.68 5.34
C ASN B 243 -10.89 -22.03 5.86
N GLU B 244 -11.20 -23.09 5.11
CA GLU B 244 -10.81 -24.47 5.37
C GLU B 244 -10.63 -24.78 6.86
N PRO B 245 -11.68 -24.68 7.65
CA PRO B 245 -11.55 -24.94 9.09
C PRO B 245 -11.23 -26.39 9.35
N PRO B 246 -10.24 -26.69 10.20
CA PRO B 246 -9.90 -28.08 10.50
C PRO B 246 -11.12 -28.84 11.03
N CYS B 247 -11.25 -30.10 10.60
CA CYS B 247 -12.42 -30.92 10.92
C CYS B 247 -12.15 -32.37 10.56
N ASN B 248 -12.25 -33.27 11.54
CA ASN B 248 -11.91 -34.68 11.33
C ASN B 248 -13.03 -35.66 11.60
N THR B 249 -14.04 -35.29 12.38
CA THR B 249 -15.08 -36.22 12.83
C THR B 249 -16.46 -35.65 12.57
N ALA B 250 -17.48 -36.42 12.95
CA ALA B 250 -18.85 -35.93 12.86
C ALA B 250 -19.14 -34.88 13.92
N GLU B 251 -18.47 -34.96 15.09
CA GLU B 251 -18.68 -33.94 16.10
C GLU B 251 -17.98 -32.64 15.73
N ASP B 252 -16.81 -32.72 15.07
CA ASP B 252 -16.19 -31.51 14.53
C ASP B 252 -17.07 -30.86 13.48
N GLY B 253 -17.83 -31.65 12.72
CA GLY B 253 -18.65 -31.10 11.65
C GLY B 253 -19.79 -30.24 12.19
N ALA B 254 -20.38 -30.64 13.31
CA ALA B 254 -21.41 -29.81 13.93
C ALA B 254 -20.83 -28.47 14.39
N LYS B 255 -19.57 -28.46 14.82
CA LYS B 255 -18.93 -27.21 15.19
C LYS B 255 -18.76 -26.31 13.97
N ILE B 256 -18.50 -26.91 12.80
CA ILE B 256 -18.47 -26.13 11.55
C ILE B 256 -19.82 -25.48 11.31
N ASN B 257 -20.90 -26.26 11.47
CA ASN B 257 -22.24 -25.72 11.29
C ASN B 257 -22.49 -24.55 12.24
N LYS B 258 -22.06 -24.69 13.49
CA LYS B 258 -22.21 -23.58 14.43
C LYS B 258 -21.38 -22.39 13.99
N PHE B 259 -20.21 -22.62 13.36
CA PHE B 259 -19.45 -21.51 12.79
C PHE B 259 -20.29 -20.72 11.79
N ASN B 260 -21.02 -21.42 10.91
CA ASN B 260 -21.87 -20.74 9.94
C ASN B 260 -23.05 -20.03 10.63
N GLU B 261 -23.57 -20.61 11.71
CA GLU B 261 -24.67 -19.97 12.42
C GLU B 261 -24.19 -18.73 13.16
N ILE B 262 -23.08 -18.85 13.90
CA ILE B 262 -22.49 -17.68 14.56
C ILE B 262 -22.15 -16.60 13.54
N PHE B 263 -21.62 -17.02 12.38
CA PHE B 263 -21.29 -16.08 11.31
C PHE B 263 -22.51 -15.33 10.82
N LEU B 264 -23.58 -16.06 10.49
CA LEU B 264 -24.80 -15.42 10.00
C LEU B 264 -25.40 -14.48 11.04
N ARG B 265 -25.36 -14.87 12.33
CA ARG B 265 -25.91 -14.01 13.37
C ARG B 265 -25.15 -12.70 13.46
N ALA B 266 -23.82 -12.77 13.41
CA ALA B 266 -23.00 -11.57 13.59
C ALA B 266 -23.27 -10.55 12.49
N ILE B 267 -23.31 -10.98 11.22
CA ILE B 267 -23.41 -10.01 10.14
C ILE B 267 -24.80 -9.39 10.09
N ASN B 268 -25.82 -10.07 10.61
CA ASN B 268 -27.15 -9.48 10.60
C ASN B 268 -27.36 -8.55 11.78
N ARG B 269 -26.83 -8.92 12.94
CA ARG B 269 -26.84 -8.02 14.09
C ARG B 269 -26.01 -6.76 13.83
N ALA B 270 -25.07 -6.82 12.89
CA ALA B 270 -24.29 -5.65 12.51
C ALA B 270 -25.05 -4.72 11.58
N GLY B 271 -26.12 -5.21 10.95
CA GLY B 271 -26.99 -4.35 10.19
C GLY B 271 -26.49 -4.02 8.79
N GLY B 272 -26.79 -2.82 8.33
CA GLY B 272 -26.42 -2.41 6.99
C GLY B 272 -27.24 -3.15 5.94
N PHE B 273 -26.58 -3.49 4.83
CA PHE B 273 -27.20 -4.25 3.75
C PHE B 273 -27.02 -5.76 3.92
N ASN B 274 -26.49 -6.22 5.05
CA ASN B 274 -26.01 -7.59 5.16
C ASN B 274 -27.13 -8.62 5.13
N ALA B 275 -28.36 -8.25 5.48
CA ALA B 275 -29.44 -9.23 5.53
C ALA B 275 -29.79 -9.78 4.15
N LYS B 276 -29.48 -9.05 3.08
CA LYS B 276 -29.76 -9.49 1.72
C LYS B 276 -28.49 -9.73 0.92
N ARG B 277 -27.34 -9.78 1.59
CA ARG B 277 -26.06 -9.99 0.91
C ARG B 277 -25.80 -11.48 0.74
N VAL B 278 -25.18 -11.84 -0.39
CA VAL B 278 -24.84 -13.24 -0.62
C VAL B 278 -23.68 -13.63 0.29
N VAL B 279 -23.76 -14.84 0.85
CA VAL B 279 -22.72 -15.36 1.72
C VAL B 279 -22.26 -16.72 1.22
N ASN B 280 -21.04 -17.08 1.60
CA ASN B 280 -20.48 -18.38 1.29
C ASN B 280 -20.34 -19.16 2.60
N LEU B 281 -21.20 -20.15 2.79
CA LEU B 281 -21.07 -21.06 3.91
C LEU B 281 -20.10 -22.18 3.57
N VAL B 282 -19.56 -22.80 4.62
CA VAL B 282 -18.48 -23.77 4.45
C VAL B 282 -18.82 -25.03 5.22
N GLY B 283 -18.28 -26.15 4.74
CA GLY B 283 -18.27 -27.40 5.47
C GLY B 283 -16.87 -27.69 6.00
N GLY B 284 -16.77 -28.82 6.70
CA GLY B 284 -15.51 -29.25 7.27
C GLY B 284 -14.35 -29.26 6.29
N GLY B 285 -13.28 -28.54 6.63
CA GLY B 285 -12.07 -28.51 5.82
C GLY B 285 -12.25 -28.01 4.40
N MET B 286 -13.42 -27.44 4.09
CA MET B 286 -13.78 -27.07 2.72
C MET B 286 -13.59 -28.26 1.77
N ASP B 287 -13.88 -29.45 2.28
CA ASP B 287 -13.69 -30.71 1.56
C ASP B 287 -15.01 -31.18 0.97
N SER B 288 -14.94 -31.80 -0.20
CA SER B 288 -16.16 -32.23 -0.89
C SER B 288 -16.93 -33.26 -0.06
N VAL B 289 -16.22 -34.21 0.53
CA VAL B 289 -16.88 -35.28 1.28
C VAL B 289 -17.32 -34.80 2.66
N LYS B 290 -16.46 -34.06 3.36
CA LYS B 290 -16.82 -33.54 4.67
C LYS B 290 -18.05 -32.62 4.57
N THR B 291 -18.10 -31.79 3.53
CA THR B 291 -19.31 -31.00 3.29
C THR B 291 -20.48 -31.91 2.96
N SER B 292 -20.28 -32.87 2.06
CA SER B 292 -21.32 -33.84 1.77
C SER B 292 -21.76 -34.59 3.01
N GLN B 293 -20.82 -34.90 3.92
CA GLN B 293 -21.15 -35.75 5.07
C GLN B 293 -21.81 -34.96 6.20
N TRP B 294 -21.36 -33.72 6.45
CA TRP B 294 -21.69 -33.06 7.72
C TRP B 294 -22.31 -31.68 7.58
N PHE B 295 -22.30 -31.07 6.39
CA PHE B 295 -22.94 -29.77 6.22
C PHE B 295 -24.44 -29.89 6.48
N LYS B 296 -24.94 -29.02 7.36
CA LYS B 296 -26.36 -28.83 7.55
C LYS B 296 -26.68 -27.38 7.23
N THR B 297 -27.71 -27.16 6.42
CA THR B 297 -28.13 -25.80 6.15
C THR B 297 -28.60 -25.14 7.44
N PRO B 298 -28.06 -23.99 7.81
CA PRO B 298 -28.52 -23.31 9.03
C PRO B 298 -30.03 -23.13 9.01
N ALA B 299 -30.67 -23.53 10.11
CA ALA B 299 -32.12 -23.43 10.20
C ALA B 299 -32.56 -21.97 10.09
N ASN B 300 -33.67 -21.75 9.37
CA ASN B 300 -34.29 -20.43 9.23
C ASN B 300 -33.39 -19.41 8.54
N ILE B 301 -32.52 -19.87 7.62
CA ILE B 301 -31.58 -18.98 6.96
C ILE B 301 -32.32 -18.03 6.03
N THR B 302 -31.88 -16.76 5.97
CA THR B 302 -32.55 -15.76 5.14
C THR B 302 -31.63 -15.06 4.14
N ASN B 303 -30.32 -15.14 4.30
CA ASN B 303 -29.43 -14.55 3.32
C ASN B 303 -29.41 -15.40 2.05
N PRO B 304 -29.17 -14.79 0.89
CA PRO B 304 -28.87 -15.61 -0.31
C PRO B 304 -27.50 -16.25 -0.10
N TRP B 305 -27.44 -17.57 -0.25
CA TRP B 305 -26.23 -18.27 0.14
C TRP B 305 -25.81 -19.26 -0.92
N ALA B 306 -24.50 -19.39 -1.09
CA ALA B 306 -23.88 -20.45 -1.87
C ALA B 306 -22.92 -21.22 -0.98
N LEU B 307 -22.54 -22.40 -1.46
CA LEU B 307 -21.59 -23.27 -0.79
C LEU B 307 -20.24 -23.15 -1.48
N GLN B 308 -19.17 -23.03 -0.69
CA GLN B 308 -17.83 -22.92 -1.23
C GLN B 308 -16.97 -24.08 -0.76
N PHE B 309 -16.23 -24.67 -1.69
CA PHE B 309 -15.27 -25.73 -1.39
C PHE B 309 -14.01 -25.49 -2.20
N HIS B 310 -12.93 -26.13 -1.77
CA HIS B 310 -11.66 -26.11 -2.47
C HIS B 310 -11.35 -27.49 -3.01
N PHE B 311 -10.51 -27.53 -4.05
CA PHE B 311 -10.21 -28.77 -4.77
C PHE B 311 -8.73 -28.79 -5.10
N TYR B 312 -7.95 -29.51 -4.29
CA TYR B 312 -6.52 -29.65 -4.55
C TYR B 312 -6.20 -31.12 -4.79
N SER B 313 -6.98 -31.76 -5.66
CA SER B 313 -6.90 -33.19 -5.96
C SER B 313 -6.70 -33.42 -7.44
N PRO B 314 -6.04 -34.52 -7.83
CA PRO B 314 -5.46 -35.59 -6.99
C PRO B 314 -4.26 -35.10 -6.20
N TYR B 315 -4.13 -35.55 -4.95
CA TYR B 315 -3.01 -35.12 -4.11
C TYR B 315 -1.68 -35.35 -4.79
N ASP B 316 -1.51 -36.51 -5.44
CA ASP B 316 -0.17 -36.88 -5.88
C ASP B 316 0.37 -35.94 -6.95
N PHE B 317 -0.49 -35.52 -7.89
CA PHE B 317 -0.02 -34.71 -9.00
C PHE B 317 0.12 -33.23 -8.61
N ILE B 318 -0.88 -32.69 -7.90
CA ILE B 318 -0.88 -31.25 -7.64
C ILE B 318 0.17 -30.89 -6.60
N PHE B 319 0.38 -31.74 -5.60
CA PHE B 319 1.37 -31.49 -4.57
C PHE B 319 2.70 -32.15 -4.88
N SER B 320 2.86 -32.73 -6.07
CA SER B 320 4.10 -33.31 -6.56
C SER B 320 4.70 -34.32 -5.58
N ALA B 321 3.92 -35.37 -5.32
CA ALA B 321 4.33 -36.45 -4.45
C ALA B 321 4.68 -37.69 -5.26
N TRP B 322 5.68 -38.44 -4.79
CA TRP B 322 5.93 -39.81 -5.25
C TRP B 322 6.15 -39.90 -6.76
N GLY B 323 6.97 -38.99 -7.28
CA GLY B 323 7.33 -39.00 -8.68
C GLY B 323 6.17 -38.82 -9.65
N LYS B 324 4.98 -38.52 -9.13
CA LYS B 324 3.85 -38.29 -10.01
C LYS B 324 4.07 -37.01 -10.79
N THR B 325 4.18 -37.16 -12.12
CA THR B 325 4.48 -36.04 -12.99
C THR B 325 3.65 -36.09 -14.28
N ILE B 326 2.57 -36.85 -14.29
CA ILE B 326 1.69 -36.96 -15.45
C ILE B 326 0.26 -36.90 -14.98
N TRP B 327 -0.61 -36.43 -15.85
CA TRP B 327 -2.04 -36.40 -15.59
C TRP B 327 -2.77 -36.42 -16.92
N GLY B 328 -3.82 -37.22 -17.02
CA GLY B 328 -4.61 -37.24 -18.24
C GLY B 328 -5.13 -38.60 -18.64
N SER B 329 -4.95 -39.61 -17.79
CA SER B 329 -5.46 -40.94 -18.12
C SER B 329 -6.99 -40.96 -18.07
N ASP B 330 -7.56 -42.03 -18.64
CA ASP B 330 -8.99 -42.25 -18.50
C ASP B 330 -9.38 -42.37 -17.03
N SER B 331 -8.53 -43.01 -16.24
CA SER B 331 -8.78 -43.13 -14.81
C SER B 331 -8.63 -41.77 -14.12
N ASP B 332 -7.66 -40.97 -14.55
CA ASP B 332 -7.50 -39.63 -13.98
C ASP B 332 -8.75 -38.80 -14.19
N LYS B 333 -9.26 -38.77 -15.43
CA LYS B 333 -10.40 -37.92 -15.75
C LYS B 333 -11.65 -38.36 -14.98
N SER B 334 -11.91 -39.66 -14.95
CA SER B 334 -13.07 -40.17 -14.21
C SER B 334 -12.94 -39.90 -12.72
N GLU B 335 -11.72 -39.98 -12.20
CA GLU B 335 -11.49 -39.73 -10.77
C GLU B 335 -11.94 -38.33 -10.37
N LEU B 336 -11.58 -37.33 -11.16
CA LEU B 336 -11.99 -35.95 -10.89
C LEU B 336 -13.51 -35.81 -11.00
N ASP B 337 -14.05 -36.13 -12.18
CA ASP B 337 -15.46 -35.89 -12.48
C ASP B 337 -16.38 -36.51 -11.44
N SER B 338 -15.92 -37.58 -10.77
CA SER B 338 -16.71 -38.19 -9.70
C SER B 338 -16.75 -37.30 -8.46
N THR B 339 -15.62 -36.71 -8.09
CA THR B 339 -15.57 -35.87 -6.89
C THR B 339 -16.53 -34.69 -7.02
N LEU B 340 -16.47 -33.96 -8.13
CA LEU B 340 -17.33 -32.81 -8.31
C LEU B 340 -18.80 -33.20 -8.42
N GLY B 341 -19.07 -34.39 -8.98
CA GLY B 341 -20.45 -34.83 -9.13
C GLY B 341 -21.08 -35.32 -7.84
N LEU B 342 -20.27 -35.86 -6.91
CA LEU B 342 -20.81 -36.35 -5.66
C LEU B 342 -21.09 -35.21 -4.69
N LEU B 343 -20.28 -34.15 -4.70
CA LEU B 343 -20.64 -32.95 -3.97
C LEU B 343 -21.88 -32.31 -4.55
N ARG B 344 -21.88 -32.09 -5.88
CA ARG B 344 -23.05 -31.54 -6.55
C ARG B 344 -24.28 -32.39 -6.31
N GLY B 345 -24.14 -33.71 -6.29
CA GLY B 345 -25.25 -34.60 -6.05
C GLY B 345 -25.85 -34.48 -4.66
N ASN B 346 -25.06 -34.06 -3.67
CA ASN B 346 -25.54 -33.88 -2.31
C ASN B 346 -26.22 -32.54 -2.08
N PHE B 347 -26.15 -31.59 -3.04
CA PHE B 347 -26.64 -30.22 -2.86
C PHE B 347 -27.21 -29.72 -4.19
N THR B 348 -28.37 -30.27 -4.55
CA THR B 348 -28.91 -30.13 -5.90
C THR B 348 -29.09 -28.66 -6.29
N ASP B 349 -29.86 -27.91 -5.51
CA ASP B 349 -30.23 -26.55 -5.89
C ASP B 349 -29.35 -25.48 -5.26
N VAL B 350 -28.30 -25.86 -4.57
CA VAL B 350 -27.43 -24.87 -3.94
C VAL B 350 -26.47 -24.33 -5.01
N PRO B 351 -26.17 -23.03 -5.01
CA PRO B 351 -25.03 -22.56 -5.82
C PRO B 351 -23.71 -22.96 -5.17
N ILE B 352 -22.75 -23.35 -6.00
CA ILE B 352 -21.46 -23.83 -5.53
C ILE B 352 -20.36 -22.91 -6.05
N VAL B 353 -19.47 -22.51 -5.15
CA VAL B 353 -18.29 -21.73 -5.49
C VAL B 353 -17.07 -22.60 -5.23
N LEU B 354 -16.23 -22.77 -6.24
CA LEU B 354 -14.95 -23.46 -6.08
C LEU B 354 -13.92 -22.37 -5.80
N GLY B 355 -13.69 -22.09 -4.52
CA GLY B 355 -12.95 -20.89 -4.13
C GLY B 355 -11.46 -20.94 -4.38
N GLU B 356 -10.87 -22.14 -4.39
CA GLU B 356 -9.44 -22.27 -4.63
C GLU B 356 -9.17 -23.56 -5.36
N PHE B 357 -8.29 -23.48 -6.37
CA PHE B 357 -7.73 -24.64 -7.04
C PHE B 357 -6.51 -24.15 -7.80
N ASP B 358 -5.54 -25.04 -8.00
CA ASP B 358 -4.40 -24.69 -8.84
C ASP B 358 -3.44 -25.84 -9.10
N ALA B 359 -3.11 -26.06 -10.37
CA ALA B 359 -1.89 -26.79 -10.74
C ALA B 359 -0.81 -25.73 -10.95
N SER B 360 -0.09 -25.42 -9.87
CA SER B 360 0.83 -24.30 -9.88
C SER B 360 1.95 -24.54 -10.89
N PRO B 361 2.14 -23.65 -11.86
CA PRO B 361 3.23 -23.83 -12.84
C PRO B 361 4.61 -23.92 -12.20
N THR B 362 4.73 -23.59 -10.91
CA THR B 362 6.02 -23.70 -10.24
C THR B 362 6.50 -25.14 -10.18
N ASN B 363 5.61 -26.08 -9.86
CA ASN B 363 5.98 -27.46 -9.64
C ASN B 363 5.39 -28.47 -10.63
N THR B 364 4.41 -28.07 -11.43
CA THR B 364 3.68 -29.03 -12.25
C THR B 364 4.16 -29.00 -13.69
N GLU B 365 3.93 -30.12 -14.37
CA GLU B 365 4.36 -30.31 -15.76
C GLU B 365 3.41 -29.58 -16.71
N PRO B 366 3.94 -28.83 -17.68
CA PRO B 366 3.06 -27.97 -18.51
C PRO B 366 1.92 -28.67 -19.23
N ALA B 367 2.19 -29.76 -19.96
CA ALA B 367 1.14 -30.41 -20.74
C ALA B 367 0.08 -31.03 -19.84
N ALA B 368 0.50 -31.71 -18.77
CA ALA B 368 -0.45 -32.31 -17.84
C ALA B 368 -1.26 -31.25 -17.13
N ARG B 369 -0.62 -30.14 -16.75
CA ARG B 369 -1.33 -29.03 -16.11
C ARG B 369 -2.46 -28.51 -16.99
N TRP B 370 -2.15 -28.26 -18.27
CA TRP B 370 -3.16 -27.76 -19.19
C TRP B 370 -4.26 -28.80 -19.41
N LYS B 371 -3.89 -30.07 -19.42
CA LYS B 371 -4.90 -31.13 -19.51
C LYS B 371 -5.75 -31.19 -18.24
N TYR B 372 -5.17 -30.90 -17.08
CA TYR B 372 -5.92 -30.92 -15.82
C TYR B 372 -6.86 -29.73 -15.71
N HIS B 373 -6.35 -28.51 -15.93
CA HIS B 373 -7.19 -27.33 -15.88
C HIS B 373 -8.33 -27.41 -16.89
N ASP B 374 -8.03 -27.82 -18.13
CA ASP B 374 -9.07 -27.93 -19.13
C ASP B 374 -10.15 -28.90 -18.70
N TYR B 375 -9.77 -30.07 -18.16
CA TYR B 375 -10.79 -31.01 -17.74
C TYR B 375 -11.53 -30.54 -16.49
N LEU B 376 -10.86 -29.82 -15.60
CA LEU B 376 -11.54 -29.25 -14.46
C LEU B 376 -12.58 -28.22 -14.90
N ILE B 377 -12.19 -27.32 -15.81
CA ILE B 377 -13.12 -26.31 -16.33
C ILE B 377 -14.32 -26.97 -16.97
N ARG B 378 -14.09 -28.06 -17.73
CA ARG B 378 -15.20 -28.84 -18.26
C ARG B 378 -16.08 -29.38 -17.14
N SER B 379 -15.46 -29.79 -16.03
CA SER B 379 -16.21 -30.42 -14.94
C SER B 379 -17.05 -29.40 -14.18
N THR B 380 -16.46 -28.24 -13.85
CA THR B 380 -17.20 -27.18 -13.17
C THR B 380 -18.41 -26.75 -14.00
N LYS B 381 -18.23 -26.57 -15.31
CA LYS B 381 -19.36 -26.27 -16.20
C LYS B 381 -20.40 -27.37 -16.15
N LYS B 382 -19.96 -28.64 -16.18
CA LYS B 382 -20.88 -29.77 -16.15
C LYS B 382 -21.75 -29.74 -14.90
N TYR B 383 -21.13 -29.50 -13.74
CA TYR B 383 -21.84 -29.51 -12.46
C TYR B 383 -22.26 -28.12 -12.00
N ASN B 384 -22.22 -27.13 -12.89
CA ASN B 384 -22.73 -25.78 -12.61
C ASN B 384 -22.03 -25.18 -11.41
N MET B 385 -20.69 -25.16 -11.46
CA MET B 385 -19.87 -24.63 -10.40
C MET B 385 -18.97 -23.53 -10.96
N SER B 386 -18.78 -22.48 -10.16
CA SER B 386 -17.90 -21.40 -10.58
C SER B 386 -16.54 -21.55 -9.92
N PRO B 387 -15.45 -21.51 -10.69
CA PRO B 387 -14.12 -21.71 -10.10
C PRO B 387 -13.38 -20.42 -9.81
N ILE B 388 -12.56 -20.45 -8.75
CA ILE B 388 -11.68 -19.35 -8.39
C ILE B 388 -10.27 -19.92 -8.22
N ILE B 389 -9.34 -19.49 -9.06
CA ILE B 389 -7.98 -20.03 -9.03
C ILE B 389 -7.20 -19.43 -7.88
N TRP B 390 -6.47 -20.27 -7.16
CA TRP B 390 -5.53 -19.79 -6.14
C TRP B 390 -4.24 -19.33 -6.81
N ASP B 391 -3.79 -18.13 -6.44
CA ASP B 391 -2.55 -17.55 -6.96
C ASP B 391 -1.87 -16.82 -5.82
N ASN B 392 -0.80 -17.42 -5.28
CA ASN B 392 -0.09 -16.84 -4.15
C ASN B 392 0.86 -15.71 -4.55
N GLY B 393 0.76 -15.17 -5.77
CA GLY B 393 1.67 -14.17 -6.27
C GLY B 393 2.83 -14.71 -7.08
N LEU B 394 3.20 -15.98 -6.86
CA LEU B 394 4.24 -16.62 -7.63
C LEU B 394 3.69 -17.62 -8.64
N ASP B 395 2.50 -18.15 -8.39
CA ASP B 395 1.95 -19.17 -9.28
C ASP B 395 1.65 -18.60 -10.65
N HIS B 396 0.89 -17.49 -10.71
CA HIS B 396 0.44 -17.02 -12.02
C HIS B 396 0.76 -15.57 -12.33
N LEU B 397 0.00 -14.61 -11.81
CA LEU B 397 0.20 -13.23 -12.23
C LEU B 397 1.38 -12.59 -11.51
N ASP B 398 2.30 -12.03 -12.27
CA ASP B 398 3.35 -11.16 -11.75
C ASP B 398 2.78 -9.76 -11.61
N ARG B 399 2.54 -9.33 -10.37
CA ARG B 399 1.87 -8.05 -10.10
C ARG B 399 2.71 -6.84 -10.47
N SER B 400 4.02 -7.00 -10.67
CA SER B 400 4.90 -5.87 -10.97
C SER B 400 5.07 -5.62 -12.47
N SER B 401 4.56 -6.50 -13.33
CA SER B 401 4.68 -6.29 -14.76
C SER B 401 3.40 -6.63 -15.54
N GLY B 402 2.36 -7.12 -14.87
CA GLY B 402 1.15 -7.54 -15.53
C GLY B 402 1.27 -8.82 -16.34
N ILE B 403 2.43 -9.47 -16.32
CA ILE B 403 2.65 -10.68 -17.11
C ILE B 403 2.11 -11.88 -16.35
N TRP B 404 1.31 -12.70 -17.03
CA TRP B 404 0.91 -14.00 -16.52
C TRP B 404 1.97 -15.02 -16.91
N ARG B 405 2.57 -15.69 -15.91
CA ARG B 405 3.63 -16.66 -16.19
C ARG B 405 3.12 -17.78 -17.08
N ASP B 406 1.89 -18.23 -16.84
CA ASP B 406 1.25 -19.30 -17.62
C ASP B 406 0.04 -18.70 -18.31
N PRO B 407 0.23 -18.06 -19.47
CA PRO B 407 -0.93 -17.50 -20.19
C PRO B 407 -1.86 -18.59 -20.71
N VAL B 408 -1.37 -19.80 -20.91
CA VAL B 408 -2.22 -20.87 -21.44
C VAL B 408 -3.36 -21.16 -20.47
N SER B 409 -3.00 -21.52 -19.22
CA SER B 409 -4.03 -21.84 -18.23
C SER B 409 -5.03 -20.71 -18.05
N ILE B 410 -4.56 -19.45 -18.10
CA ILE B 410 -5.45 -18.31 -17.86
C ILE B 410 -6.47 -18.21 -19.00
N GLU B 411 -6.00 -18.37 -20.25
CA GLU B 411 -6.89 -18.46 -21.41
C GLU B 411 -7.92 -19.57 -21.23
N ILE B 412 -7.46 -20.76 -20.86
CA ILE B 412 -8.36 -21.90 -20.72
C ILE B 412 -9.43 -21.65 -19.67
N ILE B 413 -9.09 -20.92 -18.60
CA ILE B 413 -10.06 -20.67 -17.54
C ILE B 413 -11.01 -19.54 -17.92
N THR B 414 -10.47 -18.48 -18.52
CA THR B 414 -11.29 -17.30 -18.79
C THR B 414 -12.11 -17.41 -20.07
N ASN B 415 -12.01 -18.51 -20.82
CA ASN B 415 -12.86 -18.77 -21.98
C ASN B 415 -13.37 -20.21 -21.90
N GLY B 416 -14.19 -20.49 -20.90
CA GLY B 416 -14.73 -21.81 -20.68
C GLY B 416 -15.83 -22.19 -21.65
N ASN B 417 -15.96 -21.43 -22.74
CA ASN B 417 -16.95 -21.72 -23.77
C ASN B 417 -16.35 -22.34 -25.02
N GLU B 418 -15.02 -22.30 -25.18
CA GLU B 418 -14.35 -22.77 -26.39
C GLU B 418 -13.62 -24.08 -26.12
N THR B 419 -13.60 -24.95 -27.13
CA THR B 419 -12.82 -26.18 -27.04
C THR B 419 -11.35 -25.87 -27.30
N ASN B 420 -10.49 -26.33 -26.40
CA ASN B 420 -9.05 -26.14 -26.52
C ASN B 420 -8.42 -27.39 -27.11
N SER B 421 -7.53 -27.20 -28.07
CA SER B 421 -6.65 -28.27 -28.51
C SER B 421 -5.39 -28.20 -27.67
N LEU B 422 -4.89 -29.37 -27.30
CA LEU B 422 -3.92 -29.47 -26.23
C LEU B 422 -2.73 -30.31 -26.66
N PRO B 423 -1.56 -30.07 -26.08
CA PRO B 423 -0.43 -30.98 -26.29
C PRO B 423 -0.72 -32.30 -25.60
N ASP B 424 -0.26 -33.38 -26.23
CA ASP B 424 -0.45 -34.68 -25.62
C ASP B 424 0.76 -35.05 -24.77
N SER B 425 0.54 -35.98 -23.85
CA SER B 425 1.59 -36.38 -22.93
C SER B 425 1.39 -37.84 -22.56
N THR B 426 2.44 -38.42 -21.99
CA THR B 426 2.33 -39.74 -21.40
C THR B 426 1.38 -39.69 -20.21
N VAL B 427 0.40 -40.58 -20.21
CA VAL B 427 -0.55 -40.71 -19.10
C VAL B 427 -0.59 -42.11 -18.53
N ASP B 428 0.20 -43.03 -19.07
CA ASP B 428 0.20 -44.43 -18.63
C ASP B 428 1.20 -44.56 -17.48
N THR B 429 0.69 -44.76 -16.26
CA THR B 429 1.54 -44.76 -15.08
C THR B 429 2.41 -46.02 -14.94
N SER B 430 2.41 -46.92 -15.92
CA SER B 430 3.34 -48.05 -15.93
C SER B 430 4.35 -47.93 -17.06
N ALA B 431 4.28 -46.89 -17.88
CA ALA B 431 5.16 -46.74 -19.02
C ALA B 431 6.58 -46.46 -18.56
N PRO B 432 7.58 -46.96 -19.28
CA PRO B 432 9.00 -46.74 -18.92
C PRO B 432 9.63 -45.47 -19.47
N SER B 433 8.85 -44.57 -20.09
CA SER B 433 9.34 -43.26 -20.50
C SER B 433 8.16 -42.30 -20.60
N GLN B 434 8.43 -41.02 -20.31
CA GLN B 434 7.40 -39.99 -20.24
C GLN B 434 7.68 -38.92 -21.30
N SER B 435 6.65 -38.59 -22.08
CA SER B 435 6.75 -37.59 -23.14
C SER B 435 5.79 -36.45 -22.85
N SER B 436 5.98 -35.35 -23.57
CA SER B 436 5.09 -34.20 -23.45
C SER B 436 5.19 -33.35 -24.70
N SER B 437 4.08 -33.13 -25.37
CA SER B 437 4.05 -32.22 -26.51
C SER B 437 4.10 -30.78 -26.10
N ALA B 438 4.33 -30.47 -24.82
CA ALA B 438 4.62 -29.13 -24.37
C ALA B 438 6.09 -28.77 -24.51
N TYR B 439 6.92 -29.67 -25.03
CA TYR B 439 8.35 -29.45 -25.12
C TYR B 439 8.89 -29.95 -26.46
N ILE B 440 9.94 -29.31 -26.91
CA ILE B 440 10.89 -29.90 -27.85
C ILE B 440 12.16 -30.17 -27.05
N TYR B 441 12.40 -31.43 -26.71
CA TYR B 441 13.59 -31.83 -25.96
C TYR B 441 14.69 -32.25 -26.91
N HIS B 442 15.94 -31.93 -26.55
CA HIS B 442 17.09 -32.38 -27.31
C HIS B 442 18.31 -32.46 -26.41
N LYS B 443 18.96 -33.62 -26.41
CA LYS B 443 20.12 -33.86 -25.56
C LYS B 443 21.40 -33.44 -26.26
N VAL B 444 22.34 -32.90 -25.48
CA VAL B 444 23.63 -32.50 -26.01
C VAL B 444 24.44 -33.73 -26.41
N GLY B 445 25.15 -33.64 -27.53
CA GLY B 445 25.97 -34.73 -28.00
C GLY B 445 25.27 -35.69 -28.95
N THR B 446 23.94 -35.63 -29.02
CA THR B 446 23.17 -36.38 -30.01
C THR B 446 22.82 -35.46 -31.17
N GLU B 447 22.51 -36.07 -32.31
CA GLU B 447 22.21 -35.30 -33.51
C GLU B 447 20.86 -34.61 -33.40
N VAL B 448 20.67 -33.61 -34.26
CA VAL B 448 19.39 -32.94 -34.41
C VAL B 448 18.52 -33.77 -35.34
N THR B 449 17.37 -34.23 -34.85
CA THR B 449 16.48 -35.08 -35.61
C THR B 449 15.12 -34.41 -35.77
N ASP B 450 14.33 -34.93 -36.71
CA ASP B 450 12.94 -34.53 -36.80
C ASP B 450 12.23 -34.87 -35.49
N GLN B 451 11.24 -34.04 -35.14
CA GLN B 451 10.46 -34.22 -33.92
C GLN B 451 8.98 -34.20 -34.27
N THR B 452 8.24 -35.18 -33.77
CA THR B 452 6.80 -35.28 -33.98
C THR B 452 6.09 -35.28 -32.63
N LEU B 453 5.18 -34.33 -32.45
CA LEU B 453 4.45 -34.20 -31.20
C LEU B 453 2.97 -34.43 -31.44
N PRO B 454 2.36 -35.41 -30.78
CA PRO B 454 0.91 -35.57 -30.88
C PRO B 454 0.17 -34.48 -30.12
N PHE B 455 -0.93 -34.01 -30.70
CA PHE B 455 -1.84 -33.07 -30.07
C PHE B 455 -3.24 -33.67 -30.05
N ILE B 456 -4.08 -33.13 -29.17
CA ILE B 456 -5.48 -33.49 -29.13
C ILE B 456 -6.22 -32.32 -29.76
N PHE B 457 -6.50 -32.43 -31.07
CA PHE B 457 -7.03 -31.29 -31.81
C PHE B 457 -8.44 -30.92 -31.37
N ASN B 458 -9.23 -31.90 -30.92
CA ASN B 458 -10.60 -31.66 -30.50
C ASN B 458 -11.36 -30.87 -31.55
N ASP B 459 -11.11 -31.22 -32.82
CA ASP B 459 -11.79 -30.70 -34.00
C ASP B 459 -11.51 -29.22 -34.26
N ASN B 460 -10.48 -28.65 -33.64
CA ASN B 460 -9.92 -27.37 -34.06
C ASN B 460 -8.84 -27.60 -35.11
N THR B 461 -8.41 -26.51 -35.74
CA THR B 461 -7.35 -26.55 -36.74
C THR B 461 -6.21 -25.62 -36.33
N LEU B 462 -4.99 -26.04 -36.68
CA LEU B 462 -3.79 -25.22 -36.47
C LEU B 462 -3.72 -24.16 -37.56
N VAL B 463 -3.57 -22.89 -37.16
CA VAL B 463 -3.57 -21.78 -38.12
C VAL B 463 -2.17 -21.18 -38.30
N SER B 464 -1.38 -21.08 -37.23
CA SER B 464 -0.05 -20.49 -37.35
C SER B 464 0.75 -20.75 -36.08
N ILE B 465 2.07 -20.63 -36.20
CA ILE B 465 3.02 -20.83 -35.12
C ILE B 465 4.05 -19.72 -35.16
N GLN B 466 4.37 -19.16 -33.99
CA GLN B 466 5.27 -18.01 -33.88
C GLN B 466 6.24 -18.25 -32.73
N ASP B 467 7.51 -17.93 -32.94
CA ASP B 467 8.51 -18.19 -31.91
C ASP B 467 8.61 -17.01 -30.94
N SER B 468 9.36 -17.21 -29.86
CA SER B 468 9.47 -16.18 -28.83
C SER B 468 10.32 -14.99 -29.25
N LYS B 469 10.87 -15.00 -30.46
CA LYS B 469 11.55 -13.84 -31.01
C LYS B 469 10.74 -13.16 -32.09
N GLY B 470 9.51 -13.61 -32.33
CA GLY B 470 8.64 -12.98 -33.29
C GLY B 470 8.67 -13.57 -34.69
N THR B 471 9.45 -14.64 -34.90
CA THR B 471 9.51 -15.27 -36.21
C THR B 471 8.32 -16.22 -36.37
N THR B 472 7.58 -16.05 -37.47
CA THR B 472 6.50 -16.97 -37.79
C THR B 472 7.03 -18.09 -38.67
N LEU B 473 6.64 -19.32 -38.34
CA LEU B 473 7.06 -20.47 -39.12
C LEU B 473 6.20 -20.57 -40.36
N LYS B 474 6.85 -20.84 -41.49
CA LYS B 474 6.14 -21.06 -42.75
C LYS B 474 5.54 -22.47 -42.73
N ALA B 475 4.22 -22.54 -42.89
CA ALA B 475 3.54 -23.82 -42.83
C ALA B 475 3.96 -24.73 -43.98
N ASP B 476 3.92 -26.04 -43.71
CA ASP B 476 4.28 -27.10 -44.66
C ASP B 476 5.74 -27.04 -45.09
N THR B 477 6.59 -26.35 -44.34
CA THR B 477 8.02 -26.26 -44.63
C THR B 477 8.74 -26.22 -43.30
N ASP B 478 8.29 -25.32 -42.44
CA ASP B 478 8.78 -25.17 -41.08
C ASP B 478 8.08 -26.09 -40.10
N TYR B 479 6.93 -26.63 -40.48
CA TYR B 479 6.17 -27.63 -39.74
C TYR B 479 5.14 -28.17 -40.71
N THR B 480 4.66 -29.39 -40.43
CA THR B 480 3.61 -30.00 -41.22
C THR B 480 2.62 -30.69 -40.28
N VAL B 481 1.34 -30.60 -40.60
CA VAL B 481 0.29 -31.21 -39.80
C VAL B 481 -0.19 -32.46 -40.53
N SER B 482 -0.11 -33.60 -39.84
CA SER B 482 -0.57 -34.89 -40.37
C SER B 482 -1.38 -35.56 -39.27
N GLY B 483 -2.69 -35.64 -39.47
CA GLY B 483 -3.55 -36.15 -38.41
C GLY B 483 -3.44 -35.24 -37.21
N SER B 484 -3.04 -35.81 -36.08
CA SER B 484 -2.77 -35.05 -34.87
C SER B 484 -1.28 -34.86 -34.64
N ASN B 485 -0.45 -35.27 -35.59
CA ASN B 485 0.99 -35.07 -35.50
C ASN B 485 1.35 -33.68 -35.99
N ILE B 486 2.08 -32.94 -35.18
CA ILE B 486 2.80 -31.76 -35.64
C ILE B 486 4.27 -32.15 -35.70
N THR B 487 4.87 -32.02 -36.87
CA THR B 487 6.22 -32.49 -37.11
C THR B 487 7.12 -31.32 -37.51
N PHE B 488 8.23 -31.15 -36.80
CA PHE B 488 9.21 -30.13 -37.11
C PHE B 488 10.42 -30.77 -37.76
N PRO B 489 10.84 -30.34 -38.95
CA PRO B 489 11.99 -30.98 -39.60
C PRO B 489 13.31 -30.64 -38.92
N ALA B 490 14.26 -31.58 -38.99
CA ALA B 490 15.57 -31.37 -38.36
C ALA B 490 16.29 -30.17 -38.98
N SER B 491 16.16 -29.99 -40.30
CA SER B 491 16.72 -28.82 -40.96
C SER B 491 16.26 -27.54 -40.27
N PHE B 492 14.95 -27.42 -40.05
CA PHE B 492 14.43 -26.28 -39.31
C PHE B 492 14.97 -26.24 -37.88
N LEU B 493 14.91 -27.37 -37.18
CA LEU B 493 15.24 -27.37 -35.75
C LEU B 493 16.70 -27.05 -35.50
N SER B 494 17.59 -27.45 -36.41
CA SER B 494 19.01 -27.13 -36.27
C SER B 494 19.27 -25.64 -36.34
N THR B 495 18.26 -24.83 -36.65
CA THR B 495 18.40 -23.38 -36.60
C THR B 495 18.24 -22.81 -35.20
N TYR B 496 17.93 -23.65 -34.22
CA TYR B 496 17.85 -23.21 -32.84
C TYR B 496 18.89 -23.85 -31.95
N TYR B 497 19.43 -25.01 -32.32
CA TYR B 497 20.37 -25.74 -31.49
C TYR B 497 21.16 -26.69 -32.38
N SER B 498 22.21 -27.25 -31.80
CA SER B 498 23.05 -28.24 -32.48
C SER B 498 23.31 -29.36 -31.47
N GLU B 499 24.28 -30.22 -31.79
CA GLU B 499 24.72 -31.24 -30.85
C GLU B 499 25.55 -30.66 -29.73
N THR B 500 26.23 -29.54 -29.98
CA THR B 500 27.23 -28.99 -29.08
C THR B 500 26.86 -27.63 -28.48
N SER B 501 25.69 -27.10 -28.82
CA SER B 501 25.28 -25.81 -28.26
C SER B 501 24.98 -25.96 -26.78
N GLU B 502 25.17 -24.86 -26.04
CA GLU B 502 25.05 -24.90 -24.60
C GLU B 502 23.63 -25.29 -24.17
N PRO B 503 23.50 -26.03 -23.08
CA PRO B 503 22.17 -26.45 -22.62
C PRO B 503 21.43 -25.34 -21.89
N GLY B 504 20.11 -25.38 -22.01
CA GLY B 504 19.26 -24.41 -21.35
C GLY B 504 17.97 -24.21 -22.14
N LEU B 505 17.17 -23.24 -21.68
CA LEU B 505 15.93 -22.91 -22.33
C LEU B 505 16.18 -22.08 -23.58
N LEU B 506 15.53 -22.43 -24.69
CA LEU B 506 15.66 -21.76 -25.98
C LEU B 506 14.39 -20.95 -26.24
N PRO B 507 14.19 -20.38 -27.46
CA PRO B 507 12.87 -19.83 -27.80
C PRO B 507 11.75 -20.85 -27.63
N ASN B 508 10.50 -20.36 -27.56
CA ASN B 508 9.34 -21.24 -27.51
C ASN B 508 8.37 -20.86 -28.62
N PHE B 509 7.63 -21.85 -29.10
CA PHE B 509 6.62 -21.66 -30.13
C PHE B 509 5.25 -21.50 -29.49
N THR B 510 4.46 -20.57 -30.00
CA THR B 510 3.07 -20.39 -29.57
C THR B 510 2.17 -20.76 -30.74
N LEU B 511 1.27 -21.72 -30.50
CA LEU B 511 0.45 -22.32 -31.54
C LEU B 511 -0.96 -21.75 -31.45
N LYS B 512 -1.34 -20.94 -32.43
CA LYS B 512 -2.69 -20.41 -32.52
C LYS B 512 -3.55 -21.39 -33.30
N PHE B 513 -4.60 -21.91 -32.66
CA PHE B 513 -5.56 -22.80 -33.31
C PHE B 513 -6.80 -22.01 -33.71
N SER B 514 -7.69 -22.66 -34.45
CA SER B 514 -8.90 -22.00 -34.92
C SER B 514 -9.84 -21.62 -33.79
N SER B 515 -9.64 -22.16 -32.59
CA SER B 515 -10.51 -21.90 -31.46
C SER B 515 -9.76 -22.21 -30.17
N GLY B 516 -10.15 -21.55 -29.09
CA GLY B 516 -9.58 -21.83 -27.79
C GLY B 516 -8.20 -21.23 -27.59
N ALA B 517 -7.58 -21.67 -26.50
CA ALA B 517 -6.29 -21.13 -26.07
C ALA B 517 -5.20 -21.49 -27.08
N SER B 518 -4.05 -20.82 -26.93
CA SER B 518 -2.89 -21.06 -27.78
C SER B 518 -1.78 -21.71 -26.97
N PRO B 519 -1.59 -23.02 -27.10
CA PRO B 519 -0.56 -23.71 -26.29
C PRO B 519 0.84 -23.33 -26.76
N VAL B 520 1.81 -23.69 -25.92
CA VAL B 520 3.21 -23.32 -26.11
C VAL B 520 4.09 -24.55 -25.97
N VAL B 521 4.96 -24.76 -26.96
CA VAL B 521 5.99 -25.80 -26.88
C VAL B 521 7.33 -25.13 -26.58
N GLN B 522 8.02 -25.62 -25.55
CA GLN B 522 9.25 -25.01 -25.07
C GLN B 522 10.45 -25.84 -25.49
N LEU B 523 11.37 -25.23 -26.23
CA LEU B 523 12.58 -25.91 -26.67
C LEU B 523 13.58 -25.96 -25.52
N VAL B 524 14.18 -27.12 -25.31
CA VAL B 524 15.08 -27.35 -24.19
C VAL B 524 16.27 -28.18 -24.65
N GLN B 525 17.45 -27.57 -24.67
CA GLN B 525 18.71 -28.29 -24.85
C GLN B 525 19.16 -28.75 -23.47
N TRP B 526 19.22 -30.06 -23.27
CA TRP B 526 19.42 -30.60 -21.93
C TRP B 526 20.56 -31.62 -21.91
N ASP B 527 21.13 -31.79 -20.72
CA ASP B 527 22.18 -32.75 -20.43
C ASP B 527 22.00 -33.17 -18.97
N THR B 528 22.72 -34.21 -18.56
CA THR B 528 22.61 -34.64 -17.17
C THR B 528 23.19 -33.57 -16.25
N PRO B 529 22.42 -33.06 -15.28
CA PRO B 529 22.99 -32.09 -14.34
C PRO B 529 24.07 -32.72 -13.48
N THR B 530 24.98 -31.88 -13.00
CA THR B 530 26.08 -32.29 -12.13
C THR B 530 25.96 -31.59 -10.79
N LEU B 531 26.32 -32.29 -9.72
CA LEU B 531 26.29 -31.73 -8.37
C LEU B 531 27.70 -31.39 -7.90
N SER B 532 27.80 -30.35 -7.08
CA SER B 532 29.07 -29.98 -6.48
C SER B 532 29.51 -30.97 -5.41
N LYS B 533 28.57 -31.67 -4.77
CA LYS B 533 28.89 -32.71 -3.80
C LYS B 533 28.02 -33.92 -4.06
N THR B 534 28.62 -35.11 -4.02
CA THR B 534 27.92 -36.33 -4.33
C THR B 534 27.59 -37.17 -3.11
N SER B 535 28.13 -36.83 -1.94
CA SER B 535 27.76 -37.50 -0.71
C SER B 535 28.15 -36.62 0.48
N ALA B 536 27.53 -36.91 1.62
CA ALA B 536 27.84 -36.25 2.87
C ALA B 536 27.32 -37.11 4.01
N ALA B 537 27.91 -36.94 5.19
CA ALA B 537 27.47 -37.67 6.37
C ALA B 537 26.23 -37.01 6.94
N ALA B 538 25.16 -37.79 7.12
CA ALA B 538 23.88 -37.25 7.57
C ALA B 538 24.01 -36.56 8.92
N SER B 539 25.04 -36.92 9.70
CA SER B 539 25.28 -36.24 10.97
C SER B 539 25.65 -34.78 10.76
N SER B 540 26.60 -34.52 9.87
CA SER B 540 27.25 -33.21 9.82
C SER B 540 26.34 -32.11 9.29
N ILE B 541 25.26 -32.45 8.60
CA ILE B 541 24.49 -31.42 7.92
C ILE B 541 23.07 -31.30 8.50
N SER B 542 22.93 -31.53 9.80
CA SER B 542 21.69 -31.32 10.50
C SER B 542 21.69 -29.91 11.11
N GLY B 543 20.56 -29.55 11.73
CA GLY B 543 20.31 -28.17 12.09
C GLY B 543 19.56 -27.36 11.05
N SER B 544 19.75 -27.65 9.76
CA SER B 544 19.13 -26.87 8.69
C SER B 544 19.17 -27.69 7.42
N ASP B 545 18.25 -27.37 6.50
CA ASP B 545 18.15 -28.06 5.21
C ASP B 545 19.51 -28.20 4.54
N LEU B 546 19.60 -29.17 3.64
CA LEU B 546 20.84 -29.45 2.92
C LEU B 546 20.67 -28.93 1.49
N SER B 547 21.19 -27.74 1.24
CA SER B 547 21.27 -27.21 -0.11
C SER B 547 22.52 -27.77 -0.80
N ILE B 548 22.32 -28.42 -1.94
CA ILE B 548 23.42 -29.00 -2.71
C ILE B 548 23.51 -28.24 -4.03
N PRO B 549 24.57 -27.46 -4.24
CA PRO B 549 24.67 -26.68 -5.49
C PRO B 549 24.66 -27.58 -6.72
N ILE B 550 23.99 -27.11 -7.76
CA ILE B 550 23.74 -27.89 -8.96
C ILE B 550 24.02 -27.02 -10.18
N THR B 551 24.51 -27.67 -11.24
CA THR B 551 24.64 -27.03 -12.55
C THR B 551 23.51 -27.57 -13.41
N TRP B 552 22.49 -26.74 -13.61
CA TRP B 552 21.35 -27.12 -14.43
C TRP B 552 21.76 -27.21 -15.89
N LYS B 553 21.16 -28.17 -16.61
CA LYS B 553 21.45 -28.39 -18.03
C LYS B 553 20.10 -28.57 -18.73
N GLY B 554 19.51 -27.46 -19.14
CA GLY B 554 18.18 -27.47 -19.75
C GLY B 554 17.14 -26.84 -18.85
N LEU B 555 16.14 -27.62 -18.47
CA LEU B 555 15.06 -27.15 -17.62
C LEU B 555 15.56 -27.04 -16.18
N PRO B 556 15.48 -25.88 -15.54
CA PRO B 556 16.05 -25.76 -14.19
C PRO B 556 15.07 -26.10 -13.08
N LYS B 557 14.28 -27.16 -13.24
CA LYS B 557 13.39 -27.64 -12.19
C LYS B 557 13.76 -29.07 -11.82
N LEU B 558 13.49 -29.42 -10.58
CA LEU B 558 13.63 -30.79 -10.09
C LEU B 558 12.32 -31.53 -10.31
N ALA B 559 12.40 -32.73 -10.86
CA ALA B 559 11.21 -33.50 -11.17
C ALA B 559 10.71 -34.33 -9.98
N THR B 560 11.63 -34.96 -9.25
CA THR B 560 11.33 -35.83 -8.11
C THR B 560 12.66 -36.28 -7.54
N VAL B 561 12.60 -36.97 -6.41
CA VAL B 561 13.79 -37.58 -5.81
C VAL B 561 13.45 -39.01 -5.40
N LYS B 562 14.21 -39.95 -5.92
CA LYS B 562 14.17 -41.32 -5.43
C LYS B 562 14.99 -41.42 -4.15
N ALA B 563 14.43 -42.08 -3.13
CA ALA B 563 15.12 -42.24 -1.86
C ALA B 563 15.18 -43.73 -1.54
N LEU B 564 16.40 -44.27 -1.51
CA LEU B 564 16.62 -45.70 -1.33
C LEU B 564 17.69 -45.92 -0.28
N LEU B 565 17.38 -46.72 0.74
CA LEU B 565 18.37 -47.08 1.73
C LEU B 565 19.32 -48.13 1.14
N ASN B 566 20.35 -48.46 1.91
CA ASN B 566 21.34 -49.41 1.44
C ASN B 566 20.71 -50.80 1.28
N ASN B 567 19.92 -51.24 2.26
CA ASN B 567 19.36 -52.58 2.22
C ASN B 567 18.13 -52.69 1.32
N GLY B 568 17.83 -51.67 0.52
CA GLY B 568 16.79 -51.77 -0.47
C GLY B 568 15.42 -51.29 -0.04
N THR B 569 15.20 -51.09 1.25
CA THR B 569 13.94 -50.53 1.72
C THR B 569 13.75 -49.13 1.13
N TYR B 570 12.50 -48.69 1.07
CA TYR B 570 12.21 -47.30 0.74
C TYR B 570 12.37 -46.46 1.99
N LEU B 571 13.02 -45.31 1.86
CA LEU B 571 13.26 -44.46 3.03
C LEU B 571 11.94 -44.09 3.73
N VAL B 572 10.98 -43.56 2.97
CA VAL B 572 9.68 -43.18 3.50
C VAL B 572 8.62 -43.62 2.51
N ASP B 573 7.38 -43.69 3.00
CA ASP B 573 6.22 -44.01 2.18
C ASP B 573 6.42 -45.31 1.40
N ASP B 574 6.45 -46.42 2.14
CA ASP B 574 6.70 -47.72 1.55
C ASP B 574 5.79 -48.03 0.37
N PHE B 575 4.56 -47.54 0.41
CA PHE B 575 3.52 -47.90 -0.55
C PHE B 575 3.79 -47.40 -1.97
N THR B 576 4.84 -46.60 -2.19
CA THR B 576 5.13 -46.15 -3.54
C THR B 576 5.49 -47.28 -4.49
N GLN B 577 5.72 -48.50 -3.96
CA GLN B 577 6.09 -49.65 -4.78
C GLN B 577 5.05 -49.98 -5.85
N TRP B 578 3.83 -49.47 -5.73
CA TRP B 578 2.77 -49.73 -6.70
C TRP B 578 2.57 -48.57 -7.65
N PHE B 579 3.47 -47.59 -7.65
CA PHE B 579 3.31 -46.37 -8.44
C PHE B 579 4.12 -46.41 -9.73
N GLY B 580 4.51 -47.60 -10.19
CA GLY B 580 5.16 -47.76 -11.46
C GLY B 580 6.62 -47.32 -11.48
N PRO B 581 7.24 -47.39 -12.66
CA PRO B 581 8.70 -47.18 -12.74
C PRO B 581 9.18 -45.82 -12.24
N PHE B 582 8.37 -44.76 -12.32
CA PHE B 582 8.79 -43.42 -11.94
C PHE B 582 8.33 -43.03 -10.54
N GLY B 583 7.59 -43.89 -9.84
CA GLY B 583 7.08 -43.54 -8.53
C GLY B 583 7.69 -44.30 -7.37
N GLU B 584 8.11 -45.54 -7.60
CA GLU B 584 8.56 -46.38 -6.49
C GLU B 584 9.79 -45.77 -5.82
N ALA B 585 9.74 -45.69 -4.49
CA ALA B 585 10.78 -45.10 -3.66
C ALA B 585 10.97 -43.61 -3.91
N ARG B 586 10.09 -42.98 -4.68
CA ARG B 586 10.16 -41.55 -4.91
C ARG B 586 9.53 -40.81 -3.72
N THR B 587 9.96 -39.57 -3.55
CA THR B 587 9.54 -38.77 -2.40
C THR B 587 8.73 -37.55 -2.87
N THR B 588 8.39 -36.70 -1.92
CA THR B 588 7.32 -35.72 -2.05
C THR B 588 7.87 -34.29 -2.00
N TYR B 589 7.36 -33.45 -2.89
CA TYR B 589 7.76 -32.05 -2.98
C TYR B 589 7.57 -31.34 -1.65
N SER B 590 8.47 -30.40 -1.36
CA SER B 590 8.41 -29.53 -0.19
C SER B 590 8.66 -30.28 1.11
N ASN B 591 7.92 -31.37 1.36
CA ASN B 591 8.11 -32.11 2.59
C ASN B 591 9.51 -32.71 2.69
N GLN B 592 9.97 -33.35 1.60
CA GLN B 592 11.28 -33.98 1.59
C GLN B 592 12.30 -33.24 0.73
N TRP B 593 11.90 -32.72 -0.43
CA TRP B 593 12.85 -32.12 -1.36
C TRP B 593 12.29 -30.82 -1.91
N ASN B 594 13.21 -29.99 -2.40
CA ASN B 594 12.90 -28.67 -2.92
C ASN B 594 14.07 -28.22 -3.79
N TRP B 595 13.99 -27.00 -4.30
CA TRP B 595 15.09 -26.46 -5.09
C TRP B 595 14.98 -24.94 -5.15
N ASP B 596 16.12 -24.29 -5.35
CA ASP B 596 16.17 -22.87 -5.73
C ASP B 596 16.86 -22.73 -7.07
N ASP B 597 17.31 -21.51 -7.38
CA ASP B 597 17.94 -21.28 -8.67
C ASP B 597 19.37 -21.82 -8.74
N LYS B 598 19.91 -22.27 -7.61
CA LYS B 598 21.31 -22.62 -7.50
C LYS B 598 21.55 -23.97 -6.85
N ASN B 599 20.54 -24.57 -6.22
CA ASN B 599 20.72 -25.78 -5.44
C ASN B 599 19.55 -26.73 -5.65
N VAL B 600 19.80 -28.00 -5.37
CA VAL B 600 18.75 -28.95 -5.02
C VAL B 600 18.81 -29.15 -3.51
N ILE B 601 17.67 -29.45 -2.90
CA ILE B 601 17.52 -29.33 -1.46
C ILE B 601 16.91 -30.60 -0.89
N LEU B 602 17.50 -31.12 0.18
CA LEU B 602 16.89 -32.14 1.04
C LEU B 602 16.54 -31.48 2.36
N THR B 603 15.27 -31.59 2.76
CA THR B 603 14.81 -30.95 3.97
C THR B 603 15.39 -31.59 5.22
N GLN B 604 15.26 -30.87 6.34
CA GLN B 604 15.58 -31.37 7.66
C GLN B 604 15.00 -32.74 7.90
N ALA B 605 13.70 -32.85 7.66
CA ALA B 605 12.97 -34.05 7.97
C ALA B 605 13.54 -35.24 7.22
N THR B 606 13.97 -35.03 5.98
CA THR B 606 14.60 -36.10 5.21
C THR B 606 15.87 -36.58 5.90
N VAL B 607 16.80 -35.65 6.16
CA VAL B 607 18.05 -35.99 6.83
C VAL B 607 17.78 -36.73 8.14
N GLU B 608 16.78 -36.29 8.89
CA GLU B 608 16.48 -36.96 10.16
C GLU B 608 16.02 -38.39 9.92
N ALA B 609 15.28 -38.62 8.84
CA ALA B 609 14.83 -39.98 8.55
C ALA B 609 16.01 -40.88 8.20
N VAL B 610 16.99 -40.35 7.46
CA VAL B 610 18.20 -41.12 7.16
C VAL B 610 18.96 -41.40 8.45
N VAL B 611 19.16 -40.37 9.28
CA VAL B 611 19.82 -40.55 10.57
C VAL B 611 19.07 -41.57 11.41
N ALA B 612 17.74 -41.51 11.41
CA ALA B 612 16.94 -42.47 12.15
C ALA B 612 17.15 -43.89 11.62
N ALA B 613 17.30 -44.03 10.30
CA ALA B 613 17.45 -45.35 9.72
C ALA B 613 18.78 -46.01 10.03
N GLY B 614 19.81 -45.24 10.37
CA GLY B 614 21.11 -45.82 10.66
C GLY B 614 21.69 -46.60 9.49
N GLN B 615 21.47 -46.13 8.27
CA GLN B 615 21.83 -46.88 7.08
C GLN B 615 21.96 -45.91 5.91
N ASP B 616 23.07 -46.01 5.19
CA ASP B 616 23.33 -45.09 4.08
C ASP B 616 22.17 -45.08 3.10
N THR B 617 21.82 -43.89 2.63
CA THR B 617 20.71 -43.68 1.72
C THR B 617 21.21 -42.99 0.46
N VAL B 618 20.79 -43.50 -0.69
CA VAL B 618 21.13 -42.90 -1.97
C VAL B 618 19.94 -42.11 -2.47
N PHE B 619 20.13 -40.81 -2.67
CA PHE B 619 19.10 -39.92 -3.20
C PHE B 619 19.36 -39.70 -4.69
N THR B 620 18.36 -39.98 -5.52
CA THR B 620 18.49 -39.85 -6.97
C THR B 620 17.63 -38.66 -7.41
N PHE B 621 18.28 -37.54 -7.66
CA PHE B 621 17.59 -36.38 -8.23
C PHE B 621 17.24 -36.66 -9.69
N GLU B 622 16.01 -36.31 -10.08
CA GLU B 622 15.50 -36.60 -11.41
C GLU B 622 15.06 -35.30 -12.08
N PHE B 623 15.21 -35.24 -13.40
CA PHE B 623 15.02 -34.01 -14.14
C PHE B 623 14.27 -34.29 -15.43
N PHE B 624 13.81 -33.22 -16.07
CA PHE B 624 13.09 -33.35 -17.33
C PHE B 624 14.06 -33.21 -18.50
N PRO B 625 13.89 -34.03 -19.55
CA PRO B 625 12.84 -35.03 -19.73
C PRO B 625 13.09 -36.30 -18.93
N ARG B 626 12.02 -36.98 -18.47
CA ARG B 626 12.16 -38.27 -17.80
C ARG B 626 12.15 -39.37 -18.86
N VAL B 627 13.27 -39.45 -19.59
CA VAL B 627 13.44 -40.44 -20.64
C VAL B 627 13.48 -41.84 -20.05
N ASP B 628 14.04 -41.98 -18.86
CA ASP B 628 14.09 -43.24 -18.13
C ASP B 628 14.29 -42.88 -16.66
N THR B 629 14.56 -43.87 -15.83
CA THR B 629 14.76 -43.63 -14.41
C THR B 629 16.20 -43.28 -14.05
N THR B 630 17.10 -43.17 -15.04
CA THR B 630 18.53 -43.14 -14.74
C THR B 630 19.33 -42.12 -15.56
N THR B 631 19.00 -41.94 -16.84
CA THR B 631 19.82 -41.12 -17.72
C THR B 631 19.93 -39.69 -17.22
N ASN B 632 18.80 -38.99 -17.14
CA ASN B 632 18.77 -37.59 -16.75
C ASN B 632 18.64 -37.47 -15.23
N THR B 633 19.59 -38.08 -14.54
CA THR B 633 19.59 -38.14 -13.08
C THR B 633 21.02 -37.94 -12.57
N VAL B 634 21.11 -37.68 -11.26
CA VAL B 634 22.40 -37.64 -10.55
C VAL B 634 22.15 -38.08 -9.11
N ASN B 635 23.16 -38.68 -8.52
CA ASN B 635 23.02 -39.34 -7.22
C ASN B 635 23.67 -38.52 -6.11
N PHE B 636 23.05 -38.58 -4.93
CA PHE B 636 23.62 -38.01 -3.71
C PHE B 636 23.38 -39.00 -2.58
N THR B 637 24.40 -39.17 -1.73
CA THR B 637 24.43 -40.22 -0.70
C THR B 637 24.59 -39.59 0.68
N LEU B 638 23.70 -39.96 1.60
CA LEU B 638 23.85 -39.61 3.01
C LEU B 638 24.45 -40.80 3.75
N THR B 639 25.57 -40.57 4.42
CA THR B 639 26.32 -41.64 5.06
C THR B 639 26.10 -41.64 6.57
N VAL B 640 26.20 -42.84 7.16
CA VAL B 640 26.08 -43.00 8.60
C VAL B 640 27.22 -43.88 9.10
#